data_8XYK
#
_entry.id   8XYK
#
_cell.length_a   1.00
_cell.length_b   1.00
_cell.length_c   1.00
_cell.angle_alpha   90.00
_cell.angle_beta   90.00
_cell.angle_gamma   90.00
#
_symmetry.space_group_name_H-M   'P 1'
#
loop_
_entity.id
_entity.type
_entity.pdbx_description
1 polymer 'C-X-C chemokine receptor type 3'
2 polymer 'Guanine nucleotide-binding protein G(o) subunit alpha'
3 polymer 'Guanine nucleotide-binding protein G(I)/G(S)/G(T) subunit beta-1'
4 polymer 'Guanine nucleotide-binding protein G(I)/G(S)/G(O) subunit gamma-2'
5 polymer 'Antibody fragment ScFv16'
6 non-polymer (3~{S})-~{N}-[(2~{S})-6-azanyl-1-(2,2-diphenylethylamino)-1-oxidanylidene-hexan-2-yl]-2-(4-oxidanylidene-4-phenyl-butanoyl)-3,4-dihydro-1~{H}-isoquinoline-3-carboxamide
#
loop_
_entity_poly.entity_id
_entity_poly.type
_entity_poly.pdbx_seq_one_letter_code
_entity_poly.pdbx_strand_id
1 'polypeptide(L)'
;MGKTIIALSYIFCLVFADYKDDDDAANFTPVNGSSGNQSVRLVTSSSLEVLFQGPGSVLEVSDHQVLNDAEVAALLENFS
SSYDYGENESDSCCTSPPCPQDFSLNFDRAFLPALYSLLFLLGLLGNGAVAAVLLSRRTALSSTDTFLLHLAVADTLLVL
TLPLWAVDAAVQWVFGSGLCKVAGALFNINFYAGALLLACISFDRYLNIVHATQLYRRGPPARVTLTCLAVWGLCLLFAL
PDFIFLSAHHDERLNATHCQYNFPQVGRTALRVLQLVAGFLLPLLVMAYCYAHILAVLLVSRGQRRLRAMRLVVVVVVAF
ALCWTPYHLVVLVDILMDLGALARNCGRESRVDVAKSVTSGLGYMHCCLNPLLYAFVGVKFRERMWMLLLRLGCPNQRGL
QRQPSSSRRDSSWSETSEASYSGL
;
R
2 'polypeptide(L)'
;MGHHHHHHENLYFQGTLSAEERAALERSKAIEKNLKEDGISAAKDVKLLLLGADNSGKSTIVKQMKIIHGGSGGSGGTTG
IVETHFTFKNLHFRLFDVGGQRSERKKWIHCFEDVTAIIFCVDLSDYNRMHESLMLFDSICNNKFFIDTSIILFLNKKDL
FGEKIKKSPLTICFPEYTGPNTYEDAAAYIQAQFESKNRSPNKEIYCHMTCATDTNNAQVIFDAVTDIIIANNLRGCGLY
;
A
3 'polypeptide(L)'
;MHHHHHHGSSGSELDQLRQEAEQLKNQIRDARKACADATLSQITNNIDPVGRIQMRTRRTLRGHLAKIYAMHWGTDSRLL
VSASQDGKLIIWDSYTTNKVHAIPLRSSWVMTCAYAPSGNYVACGGLDNICSIYNLKTREGNVRVSRELAGHTGYLSCCR
FLDDNQIVTSSGDTTCALWDIETGQQTTTFTGHTGDVMSLSLAPDTRLFVSGACDASAKLWDVREGMCRQTFTGHESDIN
AICFFPNGNAFATGSDDATCRLFDLRADQELMTYSHDNIICGITSVSFSKSGRLLLAGYDDFNCNVWDALKADRAGVLAG
HDNRVSCLGVTDDGMAVATGSWDSFLKIWN
;
B
4 'polypeptide(L)' MASNNTASIAQARKLVEQLKMEANIDRIKVSKAAADLMAYCEAHAKEDPLLTPVPASENPFREKKFFCAIL G
5 'polypeptide(L)'
;DVQLVESGGGLVQPGGSRKLSCSASGFAFSSFGMHWVRQAPEKGLEWVAYISSGSGTIYYADTVKGRFTISRDDPKNTLF
LQMTSLRSEDTAMYYCVRSIYYYGSSPFDFWGQGTTLTVSSGGGGSGGGGSGGGGSDIVMTQATSSVPVTPGESVSISCR
SSKSLLHSNGNTYLYWFLQRPGQSPQLLIYRMSNLASGVPDRFSGSGSGTAFTLTISRLEAEDVGVYYCMQHLEYPLTFG
AGTKLELK
;
S
#
# COMPACT_ATOMS: atom_id res chain seq x y z
N ASP A 102 -28.93 -0.59 60.54
CA ASP A 102 -29.71 -0.11 59.37
C ASP A 102 -29.08 1.13 58.74
N PHE A 103 -28.11 1.72 59.46
CA PHE A 103 -27.45 2.92 58.95
C PHE A 103 -26.75 2.65 57.63
N SER A 104 -26.03 1.53 57.54
CA SER A 104 -25.33 1.20 56.30
C SER A 104 -26.31 1.00 55.16
N LEU A 105 -27.43 0.31 55.41
CA LEU A 105 -28.40 0.07 54.36
C LEU A 105 -29.00 1.38 53.85
N ASN A 106 -29.36 2.28 54.77
CA ASN A 106 -29.91 3.56 54.36
C ASN A 106 -28.89 4.38 53.60
N PHE A 107 -27.63 4.36 54.03
CA PHE A 107 -26.58 5.08 53.31
C PHE A 107 -26.44 4.53 51.90
N ASP A 108 -26.44 3.20 51.75
CA ASP A 108 -26.38 2.61 50.43
C ASP A 108 -27.55 3.09 49.58
N ARG A 109 -28.77 2.99 50.12
CA ARG A 109 -29.96 3.38 49.37
C ARG A 109 -29.87 4.82 48.90
N ALA A 110 -29.41 5.72 49.77
CA ALA A 110 -29.40 7.14 49.47
C ALA A 110 -28.18 7.59 48.68
N PHE A 111 -27.15 6.74 48.55
CA PHE A 111 -25.92 7.18 47.91
C PHE A 111 -25.64 6.46 46.60
N LEU A 112 -25.79 5.13 46.58
CA LEU A 112 -25.38 4.31 45.45
C LEU A 112 -26.08 4.69 44.14
N PRO A 113 -27.40 4.90 44.15
CA PRO A 113 -28.12 5.16 42.89
C PRO A 113 -27.53 6.30 42.08
N ALA A 114 -27.39 7.47 42.70
CA ALA A 114 -26.92 8.65 41.96
C ALA A 114 -25.49 8.46 41.49
N LEU A 115 -24.61 7.96 42.35
CA LEU A 115 -23.22 7.77 41.97
C LEU A 115 -23.12 6.81 40.79
N TYR A 116 -23.84 5.69 40.86
CA TYR A 116 -23.77 4.73 39.77
C TYR A 116 -24.38 5.28 38.48
N SER A 117 -25.45 6.07 38.58
CA SER A 117 -26.01 6.68 37.38
C SER A 117 -25.02 7.62 36.72
N LEU A 118 -24.37 8.47 37.53
CA LEU A 118 -23.37 9.38 36.96
C LEU A 118 -22.21 8.62 36.35
N LEU A 119 -21.76 7.56 37.04
CA LEU A 119 -20.67 6.76 36.50
C LEU A 119 -21.07 6.13 35.18
N PHE A 120 -22.29 5.58 35.11
CA PHE A 120 -22.76 4.99 33.85
C PHE A 120 -22.73 6.02 32.74
N LEU A 121 -23.33 7.18 32.97
CA LEU A 121 -23.40 8.20 31.92
C LEU A 121 -22.00 8.58 31.45
N LEU A 122 -21.12 8.95 32.39
CA LEU A 122 -19.82 9.48 31.98
C LEU A 122 -18.96 8.38 31.36
N GLY A 123 -18.98 7.18 31.94
CA GLY A 123 -18.21 6.09 31.38
C GLY A 123 -18.66 5.72 29.99
N LEU A 124 -19.97 5.63 29.76
CA LEU A 124 -20.43 5.43 28.39
C LEU A 124 -19.92 6.52 27.48
N LEU A 125 -20.21 7.78 27.82
CA LEU A 125 -19.88 8.90 26.94
C LEU A 125 -18.38 8.98 26.64
N GLY A 126 -17.53 8.49 27.53
CA GLY A 126 -16.10 8.53 27.29
C GLY A 126 -15.55 7.30 26.60
N ASN A 127 -15.81 6.12 27.16
CA ASN A 127 -15.24 4.90 26.61
C ASN A 127 -15.84 4.58 25.23
N GLY A 128 -17.13 4.80 25.04
CA GLY A 128 -17.70 4.61 23.72
C GLY A 128 -17.09 5.53 22.70
N ALA A 129 -16.83 6.78 23.09
CA ALA A 129 -16.17 7.73 22.19
C ALA A 129 -14.77 7.23 21.84
N VAL A 130 -14.03 6.74 22.83
CA VAL A 130 -12.69 6.23 22.58
C VAL A 130 -12.75 5.06 21.60
N ALA A 131 -13.68 4.13 21.84
CA ALA A 131 -13.80 2.96 20.98
C ALA A 131 -14.16 3.36 19.56
N ALA A 132 -15.10 4.30 19.41
CA ALA A 132 -15.49 4.74 18.08
C ALA A 132 -14.33 5.42 17.36
N VAL A 133 -13.60 6.29 18.06
CA VAL A 133 -12.48 6.98 17.43
C VAL A 133 -11.43 5.98 16.99
N LEU A 134 -11.21 4.93 17.79
CA LEU A 134 -10.20 3.95 17.42
C LEU A 134 -10.69 3.06 16.28
N LEU A 135 -11.99 2.74 16.25
CA LEU A 135 -12.54 1.89 15.20
C LEU A 135 -12.71 2.63 13.88
N SER A 136 -12.74 3.96 13.89
CA SER A 136 -12.83 4.73 12.65
C SER A 136 -11.58 4.63 11.80
N ARG A 137 -10.50 4.05 12.33
CA ARG A 137 -9.22 4.00 11.63
C ARG A 137 -9.32 3.06 10.44
N ARG A 138 -9.12 3.61 9.24
CA ARG A 138 -9.06 2.77 8.05
C ARG A 138 -7.77 1.97 7.99
N THR A 139 -6.65 2.59 8.35
CA THR A 139 -5.36 1.94 8.30
C THR A 139 -5.15 1.10 9.56
N ALA A 140 -3.97 0.50 9.70
CA ALA A 140 -3.70 -0.36 10.84
C ALA A 140 -3.70 0.44 12.14
N LEU A 141 -3.59 -0.28 13.25
CA LEU A 141 -3.56 0.31 14.58
C LEU A 141 -2.31 -0.16 15.31
N SER A 142 -1.70 0.75 16.08
CA SER A 142 -0.50 0.40 16.83
C SER A 142 -0.87 -0.48 18.01
N SER A 143 0.15 -1.09 18.62
CA SER A 143 -0.07 -2.01 19.72
C SER A 143 -0.81 -1.33 20.87
N THR A 144 -0.32 -0.16 21.29
CA THR A 144 -0.98 0.56 22.37
C THR A 144 -2.40 0.95 22.00
N ASP A 145 -2.64 1.26 20.72
CA ASP A 145 -4.00 1.57 20.29
C ASP A 145 -4.91 0.36 20.46
N THR A 146 -4.44 -0.83 20.10
CA THR A 146 -5.25 -2.03 20.27
C THR A 146 -5.52 -2.30 21.73
N PHE A 147 -4.50 -2.17 22.58
CA PHE A 147 -4.71 -2.39 24.01
C PHE A 147 -5.70 -1.38 24.57
N LEU A 148 -5.60 -0.12 24.14
CA LEU A 148 -6.54 0.89 24.61
C LEU A 148 -7.96 0.59 24.13
N LEU A 149 -8.10 0.08 22.90
CA LEU A 149 -9.41 -0.30 22.41
C LEU A 149 -10.03 -1.39 23.28
N HIS A 150 -9.24 -2.43 23.60
CA HIS A 150 -9.76 -3.50 24.44
C HIS A 150 -10.07 -2.98 25.85
N LEU A 151 -9.25 -2.10 26.38
CA LEU A 151 -9.52 -1.52 27.69
C LEU A 151 -10.81 -0.71 27.67
N ALA A 152 -11.04 0.05 26.58
CA ALA A 152 -12.27 0.80 26.46
C ALA A 152 -13.48 -0.12 26.41
N VAL A 153 -13.38 -1.23 25.67
CA VAL A 153 -14.49 -2.18 25.63
C VAL A 153 -14.76 -2.74 27.02
N ALA A 154 -13.70 -3.12 27.73
CA ALA A 154 -13.88 -3.69 29.07
C ALA A 154 -14.54 -2.70 30.00
N ASP A 155 -14.08 -1.45 29.99
CA ASP A 155 -14.69 -0.43 30.84
C ASP A 155 -16.14 -0.20 30.46
N THR A 156 -16.43 -0.19 29.15
CA THR A 156 -17.79 0.00 28.70
C THR A 156 -18.70 -1.08 29.25
N LEU A 157 -18.27 -2.34 29.17
CA LEU A 157 -19.09 -3.42 29.70
C LEU A 157 -19.26 -3.30 31.21
N LEU A 158 -18.17 -2.97 31.91
CA LEU A 158 -18.25 -2.88 33.37
C LEU A 158 -19.22 -1.80 33.80
N VAL A 159 -19.18 -0.64 33.14
CA VAL A 159 -20.11 0.43 33.49
C VAL A 159 -21.52 0.09 33.02
N LEU A 160 -21.66 -0.65 31.92
CA LEU A 160 -22.98 -1.04 31.45
C LEU A 160 -23.68 -1.90 32.49
N THR A 161 -22.95 -2.81 33.13
CA THR A 161 -23.57 -3.65 34.14
C THR A 161 -23.88 -2.90 35.44
N LEU A 162 -23.45 -1.65 35.59
CA LEU A 162 -23.60 -0.96 36.87
C LEU A 162 -25.06 -0.75 37.28
N PRO A 163 -25.95 -0.26 36.42
CA PRO A 163 -27.29 0.08 36.90
C PRO A 163 -28.05 -1.11 37.49
N LEU A 164 -27.79 -2.33 37.01
CA LEU A 164 -28.39 -3.50 37.64
C LEU A 164 -27.94 -3.62 39.09
N TRP A 165 -26.65 -3.40 39.34
CA TRP A 165 -26.16 -3.42 40.71
C TRP A 165 -26.72 -2.28 41.53
N ALA A 166 -26.93 -1.11 40.91
CA ALA A 166 -27.57 -0.01 41.61
C ALA A 166 -28.98 -0.40 42.06
N VAL A 167 -29.74 -1.03 41.16
CA VAL A 167 -31.07 -1.50 41.53
C VAL A 167 -30.98 -2.52 42.65
N ASP A 168 -30.04 -3.46 42.54
CA ASP A 168 -29.86 -4.46 43.59
C ASP A 168 -29.65 -3.79 44.95
N ALA A 169 -28.78 -2.77 44.99
CA ALA A 169 -28.55 -2.06 46.23
C ALA A 169 -29.80 -1.32 46.68
N ALA A 170 -30.58 -0.81 45.74
CA ALA A 170 -31.75 -0.01 46.08
C ALA A 170 -32.79 -0.84 46.84
N VAL A 171 -33.33 -1.87 46.19
CA VAL A 171 -34.41 -2.66 46.78
C VAL A 171 -34.00 -4.12 46.89
N GLN A 172 -33.81 -4.79 45.75
CA GLN A 172 -33.48 -6.20 45.73
C GLN A 172 -33.27 -6.64 44.30
N TRP A 173 -32.80 -7.88 44.13
CA TRP A 173 -32.70 -8.48 42.81
C TRP A 173 -34.07 -8.97 42.36
N VAL A 174 -34.48 -8.53 41.17
CA VAL A 174 -35.79 -8.89 40.64
C VAL A 174 -35.66 -9.40 39.21
N PHE A 175 -34.49 -9.91 38.86
CA PHE A 175 -34.22 -10.41 37.51
C PHE A 175 -33.95 -11.91 37.49
N GLY A 176 -34.03 -12.59 38.63
CA GLY A 176 -33.78 -14.02 38.67
C GLY A 176 -32.31 -14.35 38.76
N SER A 177 -32.04 -15.65 38.94
CA SER A 177 -30.66 -16.10 39.14
C SER A 177 -29.85 -16.09 37.85
N GLY A 178 -30.49 -16.29 36.70
CA GLY A 178 -29.74 -16.29 35.45
C GLY A 178 -29.06 -14.96 35.19
N LEU A 179 -29.79 -13.87 35.35
CA LEU A 179 -29.18 -12.55 35.17
C LEU A 179 -28.18 -12.23 36.26
N CYS A 180 -28.40 -12.74 37.48
CA CYS A 180 -27.38 -12.65 38.52
C CYS A 180 -26.07 -13.24 38.04
N LYS A 181 -26.11 -14.49 37.54
CA LYS A 181 -24.89 -15.13 37.07
C LYS A 181 -24.27 -14.35 35.92
N VAL A 182 -25.10 -13.93 34.95
CA VAL A 182 -24.56 -13.25 33.78
C VAL A 182 -23.88 -11.94 34.18
N ALA A 183 -24.55 -11.15 35.03
CA ALA A 183 -23.98 -9.88 35.45
C ALA A 183 -22.70 -10.09 36.24
N GLY A 184 -22.68 -11.05 37.15
CA GLY A 184 -21.46 -11.29 37.92
C GLY A 184 -20.30 -11.72 37.03
N ALA A 185 -20.56 -12.62 36.09
CA ALA A 185 -19.50 -13.06 35.19
C ALA A 185 -18.98 -11.90 34.37
N LEU A 186 -19.88 -11.08 33.81
CA LEU A 186 -19.44 -9.93 33.03
C LEU A 186 -18.60 -8.99 33.89
N PHE A 187 -19.05 -8.73 35.11
CA PHE A 187 -18.33 -7.82 35.99
C PHE A 187 -16.92 -8.30 36.24
N ASN A 188 -16.76 -9.55 36.68
CA ASN A 188 -15.43 -10.05 37.02
C ASN A 188 -14.56 -10.14 35.78
N ILE A 189 -15.11 -10.61 34.66
CA ILE A 189 -14.32 -10.71 33.43
C ILE A 189 -13.78 -9.34 33.05
N ASN A 190 -14.64 -8.32 33.09
CA ASN A 190 -14.22 -6.99 32.66
C ASN A 190 -13.22 -6.39 33.64
N PHE A 191 -13.40 -6.64 34.94
CA PHE A 191 -12.45 -6.11 35.92
C PHE A 191 -11.05 -6.70 35.69
N TYR A 192 -10.97 -8.02 35.57
CA TYR A 192 -9.67 -8.65 35.34
C TYR A 192 -9.10 -8.23 34.00
N ALA A 193 -9.94 -8.10 32.98
CA ALA A 193 -9.46 -7.65 31.68
C ALA A 193 -8.87 -6.27 31.77
N GLY A 194 -9.52 -5.36 32.50
CA GLY A 194 -8.98 -4.02 32.65
C GLY A 194 -7.64 -4.02 33.35
N ALA A 195 -7.52 -4.78 34.44
CA ALA A 195 -6.26 -4.82 35.16
C ALA A 195 -5.14 -5.36 34.27
N LEU A 196 -5.38 -6.51 33.62
CA LEU A 196 -4.34 -7.10 32.80
C LEU A 196 -4.03 -6.25 31.57
N LEU A 197 -5.02 -5.50 31.06
CA LEU A 197 -4.76 -4.64 29.92
C LEU A 197 -3.93 -3.43 30.31
N LEU A 198 -4.15 -2.90 31.52
CA LEU A 198 -3.26 -1.85 32.01
C LEU A 198 -1.84 -2.37 32.15
N ALA A 199 -1.69 -3.58 32.70
CA ALA A 199 -0.36 -4.16 32.81
C ALA A 199 0.29 -4.34 31.44
N CYS A 200 -0.48 -4.81 30.46
CA CYS A 200 0.04 -5.01 29.12
C CYS A 200 0.44 -3.68 28.48
N ILE A 201 -0.34 -2.63 28.70
CA ILE A 201 0.01 -1.32 28.18
C ILE A 201 1.34 -0.87 28.77
N SER A 202 1.50 -1.04 30.08
CA SER A 202 2.76 -0.65 30.72
C SER A 202 3.92 -1.43 30.13
N PHE A 203 3.75 -2.74 29.93
CA PHE A 203 4.84 -3.54 29.38
C PHE A 203 5.16 -3.12 27.95
N ASP A 204 4.14 -2.83 27.14
CA ASP A 204 4.38 -2.39 25.78
C ASP A 204 5.13 -1.06 25.76
N ARG A 205 4.75 -0.13 26.63
CA ARG A 205 5.47 1.13 26.71
C ARG A 205 6.93 0.91 27.11
N TYR A 206 7.16 0.05 28.09
CA TYR A 206 8.53 -0.23 28.51
C TYR A 206 9.33 -0.82 27.37
N LEU A 207 8.74 -1.76 26.62
CA LEU A 207 9.45 -2.35 25.50
C LEU A 207 9.77 -1.32 24.43
N ASN A 208 8.81 -0.43 24.14
CA ASN A 208 9.00 0.52 23.05
C ASN A 208 9.98 1.62 23.41
N ILE A 209 10.11 1.95 24.70
CA ILE A 209 10.97 3.06 25.11
C ILE A 209 12.34 2.56 25.55
N VAL A 210 12.39 1.64 26.52
CA VAL A 210 13.67 1.20 27.05
C VAL A 210 14.46 0.45 25.98
N HIS A 211 13.85 -0.59 25.42
CA HIS A 211 14.50 -1.39 24.37
C HIS A 211 14.10 -0.87 22.99
N ALA A 212 14.37 0.43 22.78
CA ALA A 212 13.94 1.08 21.55
C ALA A 212 14.75 0.63 20.34
N THR A 213 16.05 0.38 20.52
CA THR A 213 16.93 0.04 19.41
C THR A 213 16.92 -1.45 19.08
N GLN A 214 16.37 -2.29 19.94
CA GLN A 214 16.29 -3.73 19.68
C GLN A 214 14.97 -4.16 19.07
N LEU A 215 13.93 -3.33 19.18
CA LEU A 215 12.62 -3.64 18.62
C LEU A 215 12.27 -2.72 17.46
N TYR A 216 13.24 -2.05 16.86
CA TYR A 216 12.96 -1.10 15.79
C TYR A 216 12.32 -1.81 14.60
N ARG A 217 11.29 -1.18 14.04
CA ARG A 217 10.61 -1.68 12.87
C ARG A 217 10.32 -0.52 11.92
N ARG A 218 10.46 -0.77 10.61
CA ARG A 218 10.30 0.27 9.60
C ARG A 218 8.80 0.49 9.32
N GLY A 219 8.10 0.88 10.38
CA GLY A 219 6.69 1.19 10.29
C GLY A 219 5.80 0.09 9.75
N PRO A 220 5.95 -1.14 10.24
CA PRO A 220 4.98 -2.18 9.92
C PRO A 220 3.91 -2.26 10.99
N PRO A 221 2.84 -3.00 10.75
CA PRO A 221 1.87 -3.26 11.83
C PRO A 221 2.35 -4.42 12.70
N ALA A 222 2.77 -4.09 13.92
CA ALA A 222 3.25 -5.10 14.87
C ALA A 222 2.03 -5.68 15.60
N ARG A 223 1.41 -6.66 14.97
CA ARG A 223 0.19 -7.24 15.51
C ARG A 223 0.45 -7.85 16.88
N VAL A 224 -0.48 -7.62 17.82
CA VAL A 224 -0.34 -8.06 19.20
C VAL A 224 -1.61 -8.76 19.69
N THR A 225 -2.47 -9.20 18.76
CA THR A 225 -3.74 -9.80 19.16
C THR A 225 -3.56 -11.07 19.96
N LEU A 226 -2.40 -11.72 19.86
CA LEU A 226 -2.16 -12.94 20.63
C LEU A 226 -2.27 -12.67 22.13
N THR A 227 -1.63 -11.59 22.59
CA THR A 227 -1.69 -11.26 24.00
C THR A 227 -3.10 -10.85 24.43
N CYS A 228 -3.84 -10.16 23.55
CA CYS A 228 -5.22 -9.82 23.88
C CYS A 228 -6.06 -11.06 24.06
N LEU A 229 -5.93 -12.03 23.16
CA LEU A 229 -6.67 -13.28 23.29
C LEU A 229 -6.26 -14.02 24.56
N ALA A 230 -4.97 -14.04 24.86
CA ALA A 230 -4.52 -14.70 26.08
C ALA A 230 -5.12 -14.03 27.32
N VAL A 231 -5.14 -12.70 27.33
CA VAL A 231 -5.71 -11.97 28.46
C VAL A 231 -7.18 -12.31 28.63
N TRP A 232 -7.93 -12.28 27.53
CA TRP A 232 -9.37 -12.56 27.63
C TRP A 232 -9.63 -13.99 28.08
N GLY A 233 -8.86 -14.95 27.55
CA GLY A 233 -9.02 -16.33 27.99
C GLY A 233 -8.71 -16.51 29.46
N LEU A 234 -7.63 -15.88 29.93
CA LEU A 234 -7.30 -15.97 31.35
C LEU A 234 -8.40 -15.34 32.20
N CYS A 235 -8.98 -14.23 31.73
CA CYS A 235 -10.09 -13.61 32.45
C CYS A 235 -11.28 -14.54 32.55
N LEU A 236 -11.62 -15.22 31.44
CA LEU A 236 -12.71 -16.18 31.50
C LEU A 236 -12.40 -17.31 32.47
N LEU A 237 -11.15 -17.78 32.47
CA LEU A 237 -10.75 -18.82 33.42
C LEU A 237 -10.95 -18.36 34.85
N PHE A 238 -10.56 -17.11 35.15
CA PHE A 238 -10.75 -16.59 36.50
C PHE A 238 -12.22 -16.42 36.84
N ALA A 239 -13.05 -16.05 35.87
CA ALA A 239 -14.46 -15.80 36.14
C ALA A 239 -15.26 -17.08 36.27
N LEU A 240 -14.77 -18.20 35.74
CA LEU A 240 -15.47 -19.49 35.84
C LEU A 240 -16.20 -19.71 37.16
N PRO A 241 -15.57 -19.52 38.33
CA PRO A 241 -16.31 -19.73 39.59
C PRO A 241 -17.56 -18.87 39.69
N ASP A 242 -17.56 -17.67 39.13
CA ASP A 242 -18.77 -16.86 39.13
C ASP A 242 -19.88 -17.54 38.34
N PHE A 243 -19.52 -18.14 37.20
CA PHE A 243 -20.50 -18.92 36.45
C PHE A 243 -21.01 -20.08 37.28
N ILE A 244 -20.12 -20.78 37.96
CA ILE A 244 -20.49 -22.01 38.64
C ILE A 244 -21.39 -21.75 39.84
N PHE A 245 -21.03 -20.75 40.66
CA PHE A 245 -21.58 -20.63 42.02
C PHE A 245 -22.60 -19.52 42.18
N LEU A 246 -22.46 -18.40 41.48
CA LEU A 246 -23.29 -17.23 41.75
C LEU A 246 -24.77 -17.57 41.64
N SER A 247 -25.55 -17.12 42.62
CA SER A 247 -26.98 -17.39 42.66
C SER A 247 -27.68 -16.19 43.31
N ALA A 248 -28.99 -16.32 43.47
CA ALA A 248 -29.83 -15.27 44.06
C ALA A 248 -30.54 -15.87 45.27
N HIS A 249 -29.90 -15.81 46.43
CA HIS A 249 -30.50 -16.31 47.65
C HIS A 249 -31.59 -15.36 48.15
N HIS A 250 -32.56 -15.92 48.87
CA HIS A 250 -33.63 -15.15 49.51
C HIS A 250 -33.34 -15.13 51.00
N ASP A 251 -32.75 -14.04 51.47
CA ASP A 251 -32.38 -13.92 52.87
C ASP A 251 -33.63 -13.94 53.75
N GLU A 252 -33.57 -14.74 54.81
CA GLU A 252 -34.64 -14.78 55.81
C GLU A 252 -34.41 -13.80 56.96
N ARG A 253 -33.25 -13.16 57.01
CA ARG A 253 -32.94 -12.18 58.05
C ARG A 253 -33.38 -10.78 57.66
N LEU A 254 -33.23 -10.43 56.38
CA LEU A 254 -33.63 -9.13 55.88
C LEU A 254 -34.80 -9.20 54.89
N ASN A 255 -35.24 -10.40 54.52
CA ASN A 255 -36.30 -10.58 53.53
C ASN A 255 -35.93 -10.00 52.17
N ALA A 256 -34.63 -9.91 51.89
CA ALA A 256 -34.14 -9.35 50.65
C ALA A 256 -33.77 -10.45 49.67
N THR A 257 -33.21 -10.05 48.53
CA THR A 257 -32.81 -10.99 47.49
C THR A 257 -31.70 -10.30 46.68
N HIS A 258 -30.48 -10.78 46.83
CA HIS A 258 -29.31 -10.15 46.21
C HIS A 258 -28.44 -11.21 45.53
N CYS A 259 -27.63 -10.73 44.59
CA CYS A 259 -26.71 -11.57 43.82
C CYS A 259 -25.45 -11.77 44.65
N GLN A 260 -25.36 -12.91 45.34
CA GLN A 260 -24.25 -13.19 46.24
C GLN A 260 -23.75 -14.61 46.02
N TYR A 261 -22.50 -14.83 46.39
CA TYR A 261 -21.89 -16.15 46.29
C TYR A 261 -22.38 -17.05 47.42
N ASN A 262 -22.61 -18.33 47.08
CA ASN A 262 -22.91 -19.35 48.06
C ASN A 262 -21.70 -20.23 48.35
N PHE A 263 -20.51 -19.73 48.02
CA PHE A 263 -19.25 -20.42 48.27
C PHE A 263 -19.15 -20.85 49.73
N PRO A 264 -18.36 -21.87 50.03
CA PRO A 264 -17.93 -22.08 51.42
C PRO A 264 -16.97 -20.97 51.84
N GLN A 265 -16.79 -20.84 53.15
CA GLN A 265 -15.97 -19.76 53.67
C GLN A 265 -14.55 -19.83 53.13
N VAL A 266 -13.98 -21.04 53.06
CA VAL A 266 -12.66 -21.21 52.47
C VAL A 266 -12.68 -20.75 51.01
N GLY A 267 -13.75 -21.09 50.28
CA GLY A 267 -13.85 -20.65 48.91
C GLY A 267 -13.93 -19.14 48.78
N ARG A 268 -14.70 -18.50 49.67
CA ARG A 268 -14.79 -17.04 49.63
C ARG A 268 -13.43 -16.41 49.89
N THR A 269 -12.71 -16.91 50.90
CA THR A 269 -11.39 -16.37 51.19
C THR A 269 -10.43 -16.59 50.02
N ALA A 270 -10.49 -17.77 49.38
CA ALA A 270 -9.62 -18.03 48.25
C ALA A 270 -9.93 -17.10 47.09
N LEU A 271 -11.21 -16.85 46.83
CA LEU A 271 -11.58 -15.92 45.76
C LEU A 271 -11.09 -14.51 46.08
N ARG A 272 -11.19 -14.10 47.34
CA ARG A 272 -10.69 -12.79 47.73
C ARG A 272 -9.18 -12.69 47.51
N VAL A 273 -8.45 -13.76 47.88
CA VAL A 273 -7.01 -13.75 47.71
C VAL A 273 -6.64 -13.69 46.22
N LEU A 274 -7.37 -14.44 45.39
CA LEU A 274 -7.12 -14.38 43.95
C LEU A 274 -7.40 -12.99 43.42
N GLN A 275 -8.50 -12.37 43.86
CA GLN A 275 -8.77 -10.99 43.47
C GLN A 275 -7.58 -10.10 43.80
N LEU A 276 -7.11 -10.17 45.04
CA LEU A 276 -6.01 -9.32 45.46
C LEU A 276 -4.76 -9.56 44.62
N VAL A 277 -4.44 -10.83 44.38
CA VAL A 277 -3.17 -11.16 43.72
C VAL A 277 -3.22 -10.81 42.24
N ALA A 278 -4.26 -11.24 41.54
CA ALA A 278 -4.31 -11.10 40.09
C ALA A 278 -4.88 -9.77 39.64
N GLY A 279 -5.49 -9.00 40.53
CA GLY A 279 -6.08 -7.74 40.15
C GLY A 279 -5.25 -6.54 40.57
N PHE A 280 -4.57 -6.65 41.71
CA PHE A 280 -3.84 -5.53 42.27
C PHE A 280 -2.33 -5.78 42.32
N LEU A 281 -1.89 -6.85 42.99
CA LEU A 281 -0.46 -7.00 43.24
C LEU A 281 0.33 -7.17 41.95
N LEU A 282 -0.07 -8.14 41.11
CA LEU A 282 0.70 -8.38 39.89
C LEU A 282 0.64 -7.20 38.94
N PRO A 283 -0.54 -6.66 38.58
CA PRO A 283 -0.54 -5.47 37.71
C PRO A 283 0.21 -4.30 38.32
N LEU A 284 0.07 -4.08 39.62
CA LEU A 284 0.75 -2.95 40.25
C LEU A 284 2.26 -3.11 40.15
N LEU A 285 2.77 -4.32 40.42
CA LEU A 285 4.21 -4.53 40.35
C LEU A 285 4.72 -4.39 38.91
N VAL A 286 3.99 -4.93 37.94
CA VAL A 286 4.42 -4.80 36.55
C VAL A 286 4.45 -3.33 36.15
N MET A 287 3.39 -2.59 36.50
CA MET A 287 3.35 -1.17 36.17
C MET A 287 4.49 -0.42 36.84
N ALA A 288 4.75 -0.70 38.11
CA ALA A 288 5.79 0.02 38.84
C ALA A 288 7.15 -0.24 38.21
N TYR A 289 7.48 -1.51 37.95
CA TYR A 289 8.77 -1.82 37.33
C TYR A 289 8.90 -1.13 35.98
N CYS A 290 7.90 -1.31 35.11
CA CYS A 290 8.00 -0.78 33.76
C CYS A 290 8.12 0.74 33.77
N TYR A 291 7.30 1.42 34.58
CA TYR A 291 7.30 2.87 34.56
C TYR A 291 8.49 3.46 35.29
N ALA A 292 9.01 2.79 36.33
CA ALA A 292 10.25 3.24 36.93
C ALA A 292 11.40 3.15 35.93
N HIS A 293 11.46 2.07 35.16
CA HIS A 293 12.50 1.97 34.13
C HIS A 293 12.30 3.01 33.04
N ILE A 294 11.04 3.29 32.66
CA ILE A 294 10.79 4.33 31.68
C ILE A 294 11.28 5.68 32.18
N LEU A 295 11.00 6.00 33.44
CA LEU A 295 11.49 7.24 34.02
C LEU A 295 13.02 7.27 34.03
N ALA A 296 13.65 6.16 34.40
CA ALA A 296 15.11 6.13 34.42
C ALA A 296 15.68 6.41 33.04
N VAL A 297 15.08 5.82 32.00
CA VAL A 297 15.57 6.05 30.64
C VAL A 297 15.31 7.49 30.21
N LEU A 298 14.17 8.05 30.62
CA LEU A 298 13.81 9.38 30.15
C LEU A 298 14.68 10.45 30.82
N LEU A 299 15.08 10.23 32.08
CA LEU A 299 15.92 11.23 32.76
C LEU A 299 17.24 11.43 32.04
N VAL A 300 17.73 10.41 31.35
CA VAL A 300 19.03 10.46 30.70
C VAL A 300 18.88 10.68 29.19
N SER A 301 17.68 11.02 28.73
CA SER A 301 17.45 11.29 27.32
C SER A 301 17.64 12.79 27.05
N ARG A 302 17.48 13.17 25.79
CA ARG A 302 17.70 14.54 25.35
C ARG A 302 16.52 14.97 24.48
N GLY A 303 15.75 15.92 24.96
CA GLY A 303 14.61 16.42 24.21
C GLY A 303 13.74 17.31 25.07
N GLN A 304 12.73 17.88 24.42
CA GLN A 304 11.76 18.74 25.09
C GLN A 304 10.44 18.04 25.38
N ARG A 305 10.24 16.82 24.87
CA ARG A 305 9.01 16.08 25.08
C ARG A 305 9.08 15.10 26.25
N ARG A 306 10.23 15.04 26.94
CA ARG A 306 10.38 14.07 28.02
C ARG A 306 9.65 14.51 29.28
N LEU A 307 9.52 15.82 29.48
CA LEU A 307 8.89 16.32 30.71
C LEU A 307 7.44 15.85 30.81
N ARG A 308 6.67 16.06 29.75
CA ARG A 308 5.28 15.62 29.75
C ARG A 308 5.18 14.11 29.91
N ALA A 309 6.12 13.38 29.29
CA ALA A 309 6.11 11.93 29.43
C ALA A 309 6.30 11.52 30.89
N MET A 310 7.26 12.13 31.57
CA MET A 310 7.49 11.81 32.98
C MET A 310 6.26 12.14 33.81
N ARG A 311 5.69 13.32 33.59
CA ARG A 311 4.53 13.73 34.37
C ARG A 311 3.35 12.79 34.13
N LEU A 312 3.13 12.40 32.88
CA LEU A 312 2.04 11.48 32.57
C LEU A 312 2.26 10.12 33.22
N VAL A 313 3.49 9.62 33.17
CA VAL A 313 3.77 8.31 33.77
C VAL A 313 3.49 8.36 35.27
N VAL A 314 3.98 9.39 35.95
CA VAL A 314 3.76 9.50 37.38
C VAL A 314 2.26 9.62 37.67
N VAL A 315 1.55 10.42 36.87
CA VAL A 315 0.13 10.60 37.10
C VAL A 315 -0.61 9.27 36.93
N VAL A 316 -0.26 8.50 35.91
CA VAL A 316 -0.94 7.22 35.68
C VAL A 316 -0.72 6.28 36.85
N VAL A 317 0.54 6.14 37.28
CA VAL A 317 0.83 5.22 38.39
C VAL A 317 0.09 5.67 39.64
N VAL A 318 0.14 6.97 39.94
CA VAL A 318 -0.49 7.48 41.16
C VAL A 318 -2.01 7.30 41.08
N ALA A 319 -2.59 7.52 39.90
CA ALA A 319 -4.04 7.36 39.77
C ALA A 319 -4.45 5.93 40.03
N PHE A 320 -3.77 4.97 39.39
CA PHE A 320 -4.09 3.57 39.62
C PHE A 320 -3.98 3.24 41.11
N ALA A 321 -2.84 3.60 41.72
CA ALA A 321 -2.63 3.24 43.11
C ALA A 321 -3.69 3.86 44.01
N LEU A 322 -3.90 5.17 43.90
CA LEU A 322 -4.87 5.84 44.78
C LEU A 322 -6.26 5.28 44.58
N CYS A 323 -6.66 5.01 43.34
CA CYS A 323 -8.02 4.58 43.09
C CYS A 323 -8.27 3.16 43.59
N TRP A 324 -7.31 2.26 43.45
CA TRP A 324 -7.58 0.86 43.77
C TRP A 324 -7.15 0.46 45.18
N THR A 325 -6.07 1.04 45.72
CA THR A 325 -5.60 0.63 47.04
C THR A 325 -6.67 0.72 48.12
N PRO A 326 -7.49 1.77 48.19
CA PRO A 326 -8.46 1.84 49.30
C PRO A 326 -9.38 0.64 49.41
N TYR A 327 -9.82 0.08 48.29
CA TYR A 327 -10.70 -1.08 48.36
C TYR A 327 -9.94 -2.34 48.76
N HIS A 328 -8.75 -2.54 48.19
CA HIS A 328 -8.00 -3.76 48.48
C HIS A 328 -7.50 -3.79 49.92
N LEU A 329 -7.15 -2.62 50.48
CA LEU A 329 -6.76 -2.58 51.88
C LEU A 329 -7.93 -2.99 52.78
N VAL A 330 -9.13 -2.50 52.49
CA VAL A 330 -10.30 -2.89 53.26
C VAL A 330 -10.60 -4.37 53.07
N VAL A 331 -10.36 -4.88 51.86
CA VAL A 331 -10.55 -6.31 51.62
C VAL A 331 -9.60 -7.13 52.47
N LEU A 332 -8.34 -6.68 52.57
CA LEU A 332 -7.39 -7.36 53.44
C LEU A 332 -7.83 -7.28 54.90
N VAL A 333 -8.40 -6.14 55.31
CA VAL A 333 -8.93 -6.02 56.67
C VAL A 333 -10.04 -7.04 56.88
N ASP A 334 -10.93 -7.18 55.89
CA ASP A 334 -12.02 -8.14 56.01
C ASP A 334 -11.50 -9.57 56.09
N ILE A 335 -10.47 -9.88 55.30
CA ILE A 335 -9.87 -11.21 55.36
C ILE A 335 -9.28 -11.47 56.74
N LEU A 336 -8.59 -10.48 57.29
CA LEU A 336 -8.03 -10.62 58.63
C LEU A 336 -9.12 -10.86 59.66
N MET A 337 -10.23 -10.12 59.55
CA MET A 337 -11.36 -10.32 60.46
C MET A 337 -11.91 -11.74 60.32
N ASP A 338 -12.09 -12.21 59.09
CA ASP A 338 -12.70 -13.51 58.87
C ASP A 338 -11.80 -14.63 59.39
N LEU A 339 -10.50 -14.51 59.21
CA LEU A 339 -9.56 -15.56 59.62
C LEU A 339 -9.29 -15.55 61.12
N GLY A 340 -9.92 -14.65 61.87
CA GLY A 340 -9.79 -14.64 63.31
C GLY A 340 -8.77 -13.67 63.87
N ALA A 341 -8.21 -12.79 63.04
CA ALA A 341 -7.23 -11.82 63.52
C ALA A 341 -7.86 -10.64 64.23
N LEU A 342 -9.18 -10.51 64.23
CA LEU A 342 -9.85 -9.40 64.87
C LEU A 342 -11.17 -9.90 65.46
N ALA A 343 -11.78 -9.05 66.27
CA ALA A 343 -13.03 -9.36 66.96
C ALA A 343 -14.20 -8.79 66.16
N ARG A 344 -15.23 -9.62 65.96
CA ARG A 344 -16.40 -9.23 65.19
C ARG A 344 -17.40 -8.48 66.06
N ASN A 345 -18.03 -7.47 65.49
CA ASN A 345 -19.10 -6.75 66.15
C ASN A 345 -19.94 -6.04 65.10
N CYS A 346 -21.15 -5.66 65.51
CA CYS A 346 -22.09 -5.04 64.57
C CYS A 346 -21.55 -3.72 64.03
N GLY A 347 -20.99 -2.89 64.91
CA GLY A 347 -20.46 -1.61 64.47
C GLY A 347 -19.34 -1.77 63.47
N ARG A 348 -18.41 -2.69 63.74
CA ARG A 348 -17.32 -2.94 62.81
C ARG A 348 -17.85 -3.51 61.50
N GLU A 349 -18.87 -4.37 61.56
CA GLU A 349 -19.47 -4.91 60.35
C GLU A 349 -20.04 -3.78 59.48
N SER A 350 -20.79 -2.86 60.10
CA SER A 350 -21.38 -1.76 59.34
C SER A 350 -20.28 -0.85 58.77
N ARG A 351 -19.25 -0.57 59.57
CA ARG A 351 -18.15 0.25 59.06
C ARG A 351 -17.49 -0.41 57.87
N VAL A 352 -17.25 -1.72 57.95
CA VAL A 352 -16.62 -2.43 56.84
C VAL A 352 -17.49 -2.38 55.60
N ASP A 353 -18.80 -2.57 55.77
CA ASP A 353 -19.70 -2.54 54.61
C ASP A 353 -19.68 -1.16 53.94
N VAL A 354 -19.77 -0.10 54.75
CA VAL A 354 -19.78 1.25 54.17
C VAL A 354 -18.46 1.54 53.49
N ALA A 355 -17.33 1.16 54.12
CA ALA A 355 -16.03 1.40 53.51
C ALA A 355 -15.91 0.64 52.20
N LYS A 356 -16.38 -0.61 52.16
CA LYS A 356 -16.35 -1.37 50.92
C LYS A 356 -17.16 -0.68 49.83
N SER A 357 -18.35 -0.19 50.17
CA SER A 357 -19.16 0.50 49.19
C SER A 357 -18.42 1.71 48.62
N VAL A 358 -17.88 2.56 49.51
CA VAL A 358 -17.23 3.78 49.05
C VAL A 358 -16.00 3.46 48.21
N THR A 359 -15.18 2.52 48.67
CA THR A 359 -13.95 2.19 47.95
C THR A 359 -14.26 1.55 46.60
N SER A 360 -15.32 0.72 46.53
CA SER A 360 -15.74 0.18 45.24
C SER A 360 -16.21 1.29 44.31
N GLY A 361 -16.93 2.27 44.84
CA GLY A 361 -17.31 3.41 44.03
C GLY A 361 -16.09 4.11 43.44
N LEU A 362 -15.07 4.31 44.26
CA LEU A 362 -13.83 4.93 43.76
C LEU A 362 -13.16 4.03 42.71
N GLY A 363 -13.14 2.73 42.95
CA GLY A 363 -12.52 1.82 42.00
C GLY A 363 -13.19 1.88 40.64
N TYR A 364 -14.52 1.93 40.63
CA TYR A 364 -15.23 2.08 39.35
C TYR A 364 -15.07 3.47 38.77
N MET A 365 -14.90 4.49 39.61
CA MET A 365 -14.55 5.81 39.10
C MET A 365 -13.23 5.77 38.36
N HIS A 366 -12.32 4.87 38.76
CA HIS A 366 -11.07 4.74 38.01
C HIS A 366 -11.32 4.27 36.59
N CYS A 367 -12.17 3.26 36.41
CA CYS A 367 -12.51 2.81 35.06
C CYS A 367 -13.27 3.89 34.31
N CYS A 368 -14.03 4.72 35.02
CA CYS A 368 -14.65 5.87 34.39
C CYS A 368 -13.62 6.86 33.88
N LEU A 369 -12.56 7.10 34.66
CA LEU A 369 -11.52 8.06 34.30
C LEU A 369 -10.56 7.54 33.25
N ASN A 370 -10.46 6.22 33.07
CA ASN A 370 -9.50 5.66 32.12
C ASN A 370 -9.36 6.47 30.84
N PRO A 371 -10.42 6.85 30.14
CA PRO A 371 -10.22 7.58 28.88
C PRO A 371 -9.45 8.88 29.06
N LEU A 372 -9.67 9.59 30.16
CA LEU A 372 -9.00 10.86 30.39
C LEU A 372 -7.49 10.71 30.54
N LEU A 373 -7.01 9.55 30.97
CA LEU A 373 -5.59 9.33 31.20
C LEU A 373 -4.89 8.69 30.02
N TYR A 374 -5.39 7.55 29.54
CA TYR A 374 -4.69 6.77 28.53
C TYR A 374 -5.03 7.18 27.10
N ALA A 375 -6.14 7.90 26.90
CA ALA A 375 -6.65 8.17 25.56
C ALA A 375 -6.58 9.65 25.19
N PHE A 376 -7.17 10.53 26.00
CA PHE A 376 -7.36 11.92 25.62
C PHE A 376 -6.13 12.78 25.84
N VAL A 377 -5.07 12.24 26.45
CA VAL A 377 -3.87 13.04 26.67
C VAL A 377 -2.88 12.92 25.52
N GLY A 378 -2.95 11.87 24.73
CA GLY A 378 -2.03 11.71 23.61
C GLY A 378 -2.41 12.58 22.45
N VAL A 379 -1.39 13.18 21.82
CA VAL A 379 -1.63 14.06 20.68
C VAL A 379 -2.24 13.28 19.52
N LYS A 380 -1.79 12.05 19.32
CA LYS A 380 -2.32 11.23 18.23
C LYS A 380 -3.82 11.05 18.38
N PHE A 381 -4.27 10.68 19.58
CA PHE A 381 -5.69 10.42 19.77
C PHE A 381 -6.51 11.69 19.64
N ARG A 382 -5.99 12.82 20.13
CA ARG A 382 -6.72 14.08 19.99
C ARG A 382 -6.83 14.49 18.53
N GLU A 383 -5.76 14.31 17.75
CA GLU A 383 -5.83 14.60 16.32
C GLU A 383 -6.86 13.71 15.65
N ARG A 384 -6.89 12.42 15.99
CA ARG A 384 -7.88 11.53 15.41
C ARG A 384 -9.29 11.93 15.81
N MET A 385 -9.47 12.36 17.06
CA MET A 385 -10.78 12.82 17.51
C MET A 385 -11.22 14.03 16.70
N TRP A 386 -10.32 14.99 16.49
CA TRP A 386 -10.67 16.16 15.68
C TRP A 386 -11.05 15.75 14.27
N MET A 387 -10.26 14.85 13.66
CA MET A 387 -10.56 14.43 12.30
C MET A 387 -11.93 13.76 12.22
N LEU A 388 -12.24 12.90 13.19
CA LEU A 388 -13.53 12.22 13.19
C LEU A 388 -14.67 13.23 13.38
N LEU A 389 -14.49 14.19 14.28
CA LEU A 389 -15.54 15.18 14.52
C LEU A 389 -15.79 16.01 13.27
N LEU A 390 -14.73 16.34 12.53
CA LEU A 390 -14.93 17.05 11.27
C LEU A 390 -15.77 16.22 10.29
N ARG A 391 -15.52 14.92 10.25
CA ARG A 391 -16.29 14.02 9.40
C ARG A 391 -17.75 14.01 9.85
N THR B 16 -13.37 -18.04 -7.75
CA THR B 16 -12.30 -19.01 -7.63
C THR B 16 -12.83 -20.43 -7.82
N LEU B 17 -13.96 -20.55 -8.51
CA LEU B 17 -14.58 -21.86 -8.69
C LEU B 17 -13.80 -22.70 -9.68
N SER B 18 -13.38 -22.11 -10.80
CA SER B 18 -12.75 -22.87 -11.87
C SER B 18 -11.40 -23.42 -11.42
N ALA B 19 -10.96 -24.50 -12.08
CA ALA B 19 -9.67 -25.08 -11.76
C ALA B 19 -8.54 -24.10 -12.06
N GLU B 20 -8.63 -23.42 -13.19
CA GLU B 20 -7.58 -22.45 -13.57
C GLU B 20 -7.67 -21.19 -12.71
N GLU B 21 -8.84 -20.83 -12.22
CA GLU B 21 -8.97 -19.69 -11.31
C GLU B 21 -8.42 -20.02 -9.93
N ARG B 22 -8.56 -21.28 -9.49
CA ARG B 22 -8.00 -21.68 -8.21
C ARG B 22 -6.48 -21.57 -8.22
N ALA B 23 -5.85 -21.99 -9.32
CA ALA B 23 -4.40 -21.88 -9.42
C ALA B 23 -3.96 -20.43 -9.47
N ALA B 24 -4.75 -19.56 -10.11
CA ALA B 24 -4.44 -18.15 -10.11
C ALA B 24 -4.47 -17.57 -8.69
N LEU B 25 -5.46 -17.99 -7.89
CA LEU B 25 -5.50 -17.56 -6.51
C LEU B 25 -4.29 -18.06 -5.74
N GLU B 26 -3.86 -19.29 -6.02
CA GLU B 26 -2.66 -19.82 -5.37
C GLU B 26 -1.45 -18.97 -5.68
N ARG B 27 -1.30 -18.54 -6.94
CA ARG B 27 -0.16 -17.70 -7.30
C ARG B 27 -0.20 -16.38 -6.56
N SER B 28 -1.38 -15.79 -6.42
CA SER B 28 -1.49 -14.51 -5.71
C SER B 28 -1.03 -14.65 -4.26
N LYS B 29 -1.45 -15.73 -3.59
CA LYS B 29 -1.04 -15.92 -2.21
C LYS B 29 0.47 -16.11 -2.10
N ALA B 30 1.08 -16.74 -3.11
CA ALA B 30 2.54 -16.85 -3.11
C ALA B 30 3.19 -15.48 -3.23
N ILE B 31 2.63 -14.61 -4.06
CA ILE B 31 3.18 -13.26 -4.19
C ILE B 31 3.02 -12.49 -2.89
N GLU B 32 1.84 -12.58 -2.26
CA GLU B 32 1.62 -11.86 -1.01
C GLU B 32 2.59 -12.32 0.06
N LYS B 33 2.86 -13.62 0.15
CA LYS B 33 3.82 -14.11 1.12
C LYS B 33 5.20 -13.53 0.87
N ASN B 34 5.62 -13.48 -0.41
CA ASN B 34 6.94 -12.93 -0.72
C ASN B 34 6.98 -11.43 -0.42
N LEU B 35 5.90 -10.71 -0.71
CA LEU B 35 5.86 -9.29 -0.40
C LEU B 35 5.99 -9.07 1.11
N LYS B 36 5.28 -9.87 1.90
CA LYS B 36 5.39 -9.76 3.36
C LYS B 36 6.81 -10.07 3.81
N GLU B 37 7.42 -11.11 3.24
CA GLU B 37 8.78 -11.47 3.62
C GLU B 37 9.76 -10.35 3.31
N ASP B 38 9.61 -9.71 2.15
CA ASP B 38 10.51 -8.63 1.78
C ASP B 38 10.39 -7.46 2.74
N GLY B 39 9.16 -7.15 3.18
CA GLY B 39 8.99 -6.08 4.13
C GLY B 39 9.68 -6.34 5.45
N ILE B 40 9.57 -7.58 5.94
CA ILE B 40 10.22 -7.92 7.20
C ILE B 40 11.74 -7.79 7.09
N SER B 41 12.31 -8.27 5.98
CA SER B 41 13.75 -8.18 5.79
C SER B 41 14.23 -6.75 5.62
N ALA B 42 13.34 -5.80 5.34
CA ALA B 42 13.68 -4.39 5.19
C ALA B 42 13.05 -3.57 6.31
N ALA B 43 12.97 -4.15 7.51
CA ALA B 43 12.40 -3.48 8.66
C ALA B 43 13.44 -2.88 9.59
N LYS B 44 14.65 -3.42 9.60
CA LYS B 44 15.72 -2.93 10.46
C LYS B 44 16.60 -1.89 9.78
N ASP B 45 16.06 -1.19 8.77
CA ASP B 45 16.83 -0.21 8.02
C ASP B 45 16.41 1.20 8.42
N VAL B 46 17.39 2.01 8.80
CA VAL B 46 17.18 3.41 9.15
C VAL B 46 17.58 4.26 7.96
N LYS B 47 16.66 5.07 7.46
CA LYS B 47 16.89 5.89 6.28
C LYS B 47 17.22 7.31 6.72
N LEU B 48 18.42 7.76 6.38
CA LEU B 48 18.90 9.09 6.73
C LEU B 48 19.22 9.85 5.45
N LEU B 49 18.92 11.15 5.44
CA LEU B 49 19.12 11.98 4.27
C LEU B 49 20.37 12.84 4.47
N LEU B 50 21.26 12.83 3.49
CA LEU B 50 22.47 13.63 3.55
C LEU B 50 22.27 14.93 2.79
N LEU B 51 22.63 16.05 3.43
CA LEU B 51 22.47 17.36 2.82
C LEU B 51 23.68 18.20 3.13
N GLY B 52 23.88 19.25 2.34
CA GLY B 52 25.00 20.15 2.51
C GLY B 52 25.58 20.61 1.19
N ALA B 53 26.39 21.66 1.23
CA ALA B 53 26.99 22.21 0.03
C ALA B 53 28.08 21.28 -0.49
N ASP B 54 28.65 21.64 -1.64
CA ASP B 54 29.72 20.85 -2.22
C ASP B 54 31.01 21.03 -1.43
N ASN B 55 31.85 20.00 -1.47
CA ASN B 55 33.13 20.01 -0.74
C ASN B 55 32.91 20.20 0.75
N SER B 56 31.76 19.75 1.26
CA SER B 56 31.41 19.87 2.66
C SER B 56 31.72 18.61 3.45
N GLY B 57 32.33 17.61 2.83
CA GLY B 57 32.59 16.36 3.52
C GLY B 57 31.41 15.43 3.61
N LYS B 58 30.34 15.68 2.86
CA LYS B 58 29.16 14.83 2.89
C LYS B 58 29.39 13.48 2.23
N SER B 59 30.55 13.27 1.59
CA SER B 59 30.89 11.99 0.99
C SER B 59 31.87 11.18 1.84
N THR B 60 32.33 11.72 2.97
CA THR B 60 33.33 11.07 3.80
C THR B 60 32.99 11.22 5.28
N ILE B 61 31.73 11.01 5.64
CA ILE B 61 31.34 11.11 7.05
C ILE B 61 31.78 9.86 7.81
N VAL B 62 31.26 8.71 7.43
CA VAL B 62 31.61 7.43 8.04
C VAL B 62 32.48 6.67 7.06
N LYS B 63 33.64 6.21 7.52
CA LYS B 63 34.59 5.54 6.64
C LYS B 63 34.14 4.14 6.23
N GLN B 64 33.08 3.61 6.83
CA GLN B 64 32.50 2.34 6.41
C GLN B 64 31.44 2.64 5.35
N MET B 65 31.90 2.83 4.12
CA MET B 65 31.02 3.31 3.07
C MET B 65 30.19 2.19 2.46
N LYS B 66 30.84 1.24 1.78
CA LYS B 66 30.14 0.18 1.06
C LYS B 66 28.96 0.77 0.26
N ILE B 67 29.34 1.58 -0.73
CA ILE B 67 28.36 2.40 -1.44
C ILE B 67 27.15 1.57 -1.86
N ILE B 68 27.38 0.52 -2.65
CA ILE B 68 26.30 -0.35 -3.10
C ILE B 68 26.87 -1.45 -3.97
N THR B 79 24.91 9.54 -12.45
CA THR B 79 24.16 10.67 -11.94
C THR B 79 22.79 10.22 -11.44
N GLY B 80 22.28 10.92 -10.44
CA GLY B 80 20.99 10.58 -9.86
C GLY B 80 20.99 10.70 -8.35
N ILE B 81 20.65 9.61 -7.67
CA ILE B 81 20.66 9.55 -6.21
C ILE B 81 21.61 8.43 -5.80
N VAL B 82 22.53 8.73 -4.89
CA VAL B 82 23.54 7.79 -4.43
C VAL B 82 23.18 7.32 -3.04
N GLU B 83 23.37 6.03 -2.78
CA GLU B 83 23.02 5.42 -1.50
C GLU B 83 24.25 4.80 -0.86
N THR B 84 24.26 4.79 0.46
CA THR B 84 25.31 4.17 1.26
C THR B 84 24.64 3.43 2.40
N HIS B 85 25.00 2.16 2.58
CA HIS B 85 24.22 1.23 3.41
C HIS B 85 25.10 0.55 4.45
N PHE B 86 25.84 1.34 5.24
CA PHE B 86 26.64 0.75 6.30
C PHE B 86 25.75 0.28 7.45
N THR B 87 26.22 -0.73 8.16
CA THR B 87 25.50 -1.32 9.29
C THR B 87 26.34 -1.19 10.55
N PHE B 88 25.68 -0.99 11.69
CA PHE B 88 26.37 -0.69 12.93
C PHE B 88 25.45 -0.94 14.11
N LYS B 89 25.87 -1.81 15.02
CA LYS B 89 25.15 -2.10 16.27
C LYS B 89 23.71 -2.52 15.99
N ASN B 90 23.57 -3.66 15.32
CA ASN B 90 22.27 -4.28 15.11
C ASN B 90 21.28 -3.30 14.48
N LEU B 91 21.76 -2.56 13.48
CA LEU B 91 20.93 -1.58 12.80
C LEU B 91 21.53 -1.23 11.44
N HIS B 92 20.71 -1.23 10.41
CA HIS B 92 21.16 -1.00 9.04
C HIS B 92 20.92 0.46 8.67
N PHE B 93 22.00 1.21 8.47
CA PHE B 93 21.92 2.63 8.17
C PHE B 93 22.06 2.86 6.68
N ARG B 94 21.06 3.52 6.09
CA ARG B 94 21.05 3.86 4.67
C ARG B 94 21.13 5.37 4.54
N LEU B 95 22.21 5.86 3.93
CA LEU B 95 22.41 7.29 3.71
C LEU B 95 22.13 7.59 2.24
N PHE B 96 21.27 8.58 1.99
CA PHE B 96 20.90 8.97 0.64
C PHE B 96 21.48 10.35 0.35
N ASP B 97 22.30 10.45 -0.69
CA ASP B 97 22.87 11.72 -1.13
C ASP B 97 22.14 12.17 -2.38
N VAL B 98 21.56 13.37 -2.32
CA VAL B 98 20.74 13.89 -3.40
C VAL B 98 21.47 14.95 -4.23
N GLY B 99 22.78 15.08 -4.05
CA GLY B 99 23.53 16.00 -4.88
C GLY B 99 23.51 15.58 -6.33
N GLY B 100 23.64 16.56 -7.22
CA GLY B 100 23.62 16.33 -8.65
C GLY B 100 22.25 16.39 -9.29
N GLN B 101 21.19 16.52 -8.50
CA GLN B 101 19.86 16.67 -9.08
C GLN B 101 19.76 17.96 -9.88
N ARG B 102 20.29 19.06 -9.35
CA ARG B 102 20.27 20.35 -10.04
C ARG B 102 18.85 20.72 -10.45
N SER B 103 17.90 20.49 -9.55
CA SER B 103 16.48 20.77 -9.79
C SER B 103 15.94 21.58 -8.63
N GLU B 104 14.62 21.76 -8.62
CA GLU B 104 13.96 22.44 -7.52
C GLU B 104 13.61 21.42 -6.44
N ARG B 105 14.13 21.64 -5.23
CA ARG B 105 13.98 20.66 -4.17
C ARG B 105 12.52 20.39 -3.85
N LYS B 106 11.66 21.40 -4.01
CA LYS B 106 10.28 21.28 -3.54
C LYS B 106 9.55 20.11 -4.17
N LYS B 107 9.96 19.65 -5.35
CA LYS B 107 9.20 18.66 -6.09
C LYS B 107 9.63 17.22 -5.82
N TRP B 108 10.81 17.00 -5.24
CA TRP B 108 11.22 15.67 -4.83
C TRP B 108 11.50 15.58 -3.34
N ILE B 109 11.41 16.68 -2.60
CA ILE B 109 11.70 16.63 -1.17
C ILE B 109 10.67 15.77 -0.44
N HIS B 110 9.44 15.75 -0.94
CA HIS B 110 8.42 14.93 -0.29
C HIS B 110 8.68 13.44 -0.44
N CYS B 111 9.55 13.05 -1.38
CA CYS B 111 9.93 11.65 -1.48
C CYS B 111 10.66 11.16 -0.25
N PHE B 112 11.30 12.06 0.49
CA PHE B 112 12.03 11.72 1.71
C PHE B 112 11.28 12.14 2.97
N GLU B 113 9.96 12.30 2.88
CA GLU B 113 9.19 12.80 4.01
C GLU B 113 9.32 11.88 5.23
N ASP B 114 9.56 10.60 5.02
CA ASP B 114 9.54 9.62 6.09
C ASP B 114 10.93 9.20 6.55
N VAL B 115 11.98 9.92 6.14
CA VAL B 115 13.31 9.58 6.60
C VAL B 115 13.41 9.81 8.10
N THR B 116 14.22 8.99 8.76
CA THR B 116 14.34 9.08 10.21
C THR B 116 14.91 10.42 10.64
N ALA B 117 15.93 10.91 9.95
CA ALA B 117 16.58 12.16 10.34
C ALA B 117 17.34 12.70 9.13
N ILE B 118 17.77 13.96 9.25
CA ILE B 118 18.53 14.64 8.21
C ILE B 118 19.93 14.87 8.75
N ILE B 119 20.93 14.40 8.00
CA ILE B 119 22.32 14.62 8.35
C ILE B 119 22.81 15.81 7.53
N PHE B 120 23.05 16.93 8.19
CA PHE B 120 23.49 18.15 7.55
C PHE B 120 24.97 18.37 7.83
N CYS B 121 25.75 18.61 6.78
CA CYS B 121 27.19 18.79 6.88
C CYS B 121 27.55 20.23 6.58
N VAL B 122 28.51 20.76 7.33
CA VAL B 122 28.99 22.13 7.15
C VAL B 122 30.50 22.12 7.25
N ASP B 123 31.14 22.90 6.37
CA ASP B 123 32.59 23.04 6.36
C ASP B 123 32.94 24.38 6.99
N LEU B 124 33.70 24.33 8.08
CA LEU B 124 34.07 25.55 8.79
C LEU B 124 35.22 26.29 8.13
N SER B 125 35.90 25.68 7.15
CA SER B 125 37.02 26.32 6.48
C SER B 125 36.63 27.00 5.18
N ASP B 126 35.34 27.02 4.83
CA ASP B 126 34.86 27.62 3.58
C ASP B 126 33.97 28.81 3.96
N TYR B 127 34.61 29.97 4.17
CA TYR B 127 33.86 31.17 4.52
C TYR B 127 32.90 31.57 3.41
N ASN B 128 33.36 31.55 2.17
CA ASN B 128 32.53 31.99 1.05
C ASN B 128 31.30 31.11 0.86
N ARG B 129 31.37 29.83 1.25
CA ARG B 129 30.25 28.92 1.12
C ARG B 129 29.38 28.86 2.36
N MET B 130 29.73 29.60 3.41
CA MET B 130 28.96 29.56 4.64
C MET B 130 27.53 30.06 4.42
N HIS B 131 27.38 31.16 3.69
CA HIS B 131 26.06 31.76 3.52
C HIS B 131 25.13 30.83 2.75
N GLU B 132 25.64 30.16 1.72
CA GLU B 132 24.81 29.20 1.00
C GLU B 132 24.34 28.09 1.92
N SER B 133 25.24 27.57 2.77
CA SER B 133 24.84 26.54 3.72
C SER B 133 23.77 27.03 4.66
N LEU B 134 23.91 28.26 5.17
CA LEU B 134 22.92 28.79 6.09
C LEU B 134 21.55 28.90 5.44
N MET B 135 21.50 29.33 4.18
CA MET B 135 20.24 29.37 3.45
C MET B 135 19.66 27.97 3.29
N LEU B 136 20.53 26.99 2.99
CA LEU B 136 20.06 25.61 2.87
C LEU B 136 19.43 25.13 4.17
N PHE B 137 20.09 25.41 5.30
CA PHE B 137 19.58 24.93 6.59
C PHE B 137 18.22 25.52 6.89
N ASP B 138 18.05 26.82 6.64
CA ASP B 138 16.76 27.46 6.93
C ASP B 138 15.66 26.86 6.09
N SER B 139 15.92 26.64 4.81
CA SER B 139 14.89 26.08 3.93
C SER B 139 14.53 24.66 4.34
N ILE B 140 15.53 23.83 4.64
CA ILE B 140 15.27 22.43 4.99
C ILE B 140 14.61 22.34 6.36
N CYS B 141 15.07 23.15 7.32
CA CYS B 141 14.53 23.06 8.67
C CYS B 141 13.06 23.49 8.72
N ASN B 142 12.67 24.46 7.90
CA ASN B 142 11.32 25.03 7.94
C ASN B 142 10.42 24.46 6.86
N ASN B 143 10.86 23.45 6.13
CA ASN B 143 10.01 22.82 5.12
C ASN B 143 8.80 22.18 5.79
N LYS B 144 7.65 22.27 5.11
CA LYS B 144 6.42 21.77 5.70
C LYS B 144 6.48 20.26 5.93
N PHE B 145 7.23 19.54 5.11
CA PHE B 145 7.32 18.08 5.26
C PHE B 145 8.25 17.69 6.40
N PHE B 146 9.31 18.46 6.64
CA PHE B 146 10.30 18.16 7.67
C PHE B 146 10.00 18.89 8.97
N ILE B 147 8.72 19.13 9.27
CA ILE B 147 8.38 19.85 10.49
C ILE B 147 8.66 19.03 11.73
N ASP B 148 8.93 17.74 11.59
CA ASP B 148 9.16 16.87 12.74
C ASP B 148 10.45 16.05 12.67
N THR B 149 11.18 16.08 11.56
CA THR B 149 12.40 15.30 11.43
C THR B 149 13.57 16.04 12.07
N SER B 150 14.24 15.38 13.02
CA SER B 150 15.39 15.97 13.66
C SER B 150 16.57 16.05 12.68
N ILE B 151 17.54 16.88 13.03
CA ILE B 151 18.71 17.12 12.19
C ILE B 151 19.96 16.78 12.98
N ILE B 152 20.90 16.09 12.34
CA ILE B 152 22.18 15.79 12.94
C ILE B 152 23.25 16.64 12.26
N LEU B 153 23.55 17.79 12.83
CA LEU B 153 24.44 18.75 12.19
C LEU B 153 25.89 18.39 12.46
N PHE B 154 26.68 18.30 11.39
CA PHE B 154 28.11 18.01 11.47
C PHE B 154 28.89 19.25 11.05
N LEU B 155 29.83 19.67 11.90
CA LEU B 155 30.71 20.79 11.62
C LEU B 155 32.11 20.22 11.40
N ASN B 156 32.45 19.98 10.14
CA ASN B 156 33.66 19.24 9.79
C ASN B 156 34.87 20.15 9.74
N LYS B 157 36.05 19.51 9.69
CA LYS B 157 37.33 20.19 9.46
C LYS B 157 37.60 21.24 10.54
N LYS B 158 37.70 20.77 11.79
CA LYS B 158 38.09 21.65 12.87
C LYS B 158 39.53 22.13 12.70
N ASP B 159 40.44 21.24 12.31
CA ASP B 159 41.85 21.59 12.25
C ASP B 159 42.09 22.74 11.29
N LEU B 160 41.50 22.67 10.09
CA LEU B 160 41.66 23.77 9.13
C LEU B 160 41.07 25.05 9.69
N PHE B 161 39.91 24.96 10.34
CA PHE B 161 39.30 26.15 10.92
C PHE B 161 40.21 26.78 11.97
N GLY B 162 40.82 25.95 12.82
CA GLY B 162 41.75 26.48 13.79
C GLY B 162 42.99 27.10 13.17
N GLU B 163 43.46 26.52 12.06
CA GLU B 163 44.61 27.09 11.37
C GLU B 163 44.23 28.35 10.60
N LYS B 164 43.03 28.37 10.00
CA LYS B 164 42.63 29.51 9.19
C LYS B 164 42.21 30.71 10.04
N ILE B 165 41.65 30.48 11.23
CA ILE B 165 41.18 31.58 12.05
C ILE B 165 42.33 32.50 12.45
N LYS B 166 43.49 31.92 12.75
CA LYS B 166 44.62 32.73 13.19
C LYS B 166 45.04 33.71 12.10
N LYS B 167 45.12 33.25 10.85
CA LYS B 167 45.52 34.14 9.76
C LYS B 167 44.41 35.10 9.38
N SER B 168 43.17 34.62 9.34
CA SER B 168 42.02 35.44 8.94
C SER B 168 40.99 35.41 10.06
N PRO B 169 40.72 36.54 10.72
CA PRO B 169 39.71 36.53 11.78
C PRO B 169 38.32 36.27 11.24
N LEU B 170 37.47 35.69 12.10
CA LEU B 170 36.08 35.39 11.74
C LEU B 170 35.23 36.67 11.84
N THR B 171 35.52 37.61 10.96
CA THR B 171 34.77 38.86 10.90
C THR B 171 34.30 39.14 9.48
N ILE B 172 35.09 38.72 8.48
CA ILE B 172 34.70 38.94 7.09
C ILE B 172 33.44 38.15 6.76
N CYS B 173 33.38 36.89 7.21
CA CYS B 173 32.20 36.07 6.93
C CYS B 173 31.00 36.54 7.75
N PHE B 174 31.22 36.94 9.00
CA PHE B 174 30.16 37.37 9.91
C PHE B 174 30.51 38.75 10.44
N PRO B 175 30.08 39.82 9.76
CA PRO B 175 30.44 41.17 10.22
C PRO B 175 29.87 41.51 11.60
N GLU B 176 28.82 40.81 12.05
CA GLU B 176 28.20 41.10 13.33
C GLU B 176 28.91 40.44 14.50
N TYR B 177 29.91 39.60 14.25
CA TYR B 177 30.60 38.91 15.34
C TYR B 177 31.24 39.91 16.28
N THR B 178 31.07 39.70 17.58
CA THR B 178 31.57 40.60 18.61
C THR B 178 32.48 39.93 19.62
N GLY B 179 32.44 38.61 19.73
CA GLY B 179 33.22 37.91 20.73
C GLY B 179 34.70 37.85 20.38
N PRO B 180 35.46 37.18 21.24
CA PRO B 180 36.91 37.06 21.00
C PRO B 180 37.23 36.31 19.71
N ASN B 181 38.51 36.18 19.42
CA ASN B 181 38.99 35.50 18.21
C ASN B 181 39.64 34.16 18.54
N THR B 182 39.08 33.44 19.50
CA THR B 182 39.60 32.15 19.92
C THR B 182 38.74 31.02 19.34
N TYR B 183 39.35 29.83 19.27
CA TYR B 183 38.70 28.71 18.61
C TYR B 183 37.38 28.33 19.30
N GLU B 184 37.38 28.33 20.64
CA GLU B 184 36.19 27.90 21.37
C GLU B 184 35.01 28.83 21.09
N ASP B 185 35.26 30.15 21.13
CA ASP B 185 34.17 31.10 20.91
C ASP B 185 33.71 31.10 19.45
N ALA B 186 34.66 31.05 18.51
CA ALA B 186 34.28 31.09 17.11
C ALA B 186 33.43 29.89 16.73
N ALA B 187 33.81 28.70 17.18
CA ALA B 187 33.01 27.52 16.89
C ALA B 187 31.63 27.61 17.56
N ALA B 188 31.58 28.12 18.79
CA ALA B 188 30.31 28.26 19.48
C ALA B 188 29.39 29.21 18.74
N TYR B 189 29.92 30.34 18.26
CA TYR B 189 29.09 31.30 17.55
C TYR B 189 28.54 30.71 16.25
N ILE B 190 29.38 29.95 15.53
CA ILE B 190 28.92 29.32 14.29
C ILE B 190 27.78 28.36 14.58
N GLN B 191 27.92 27.56 15.62
CA GLN B 191 26.86 26.61 15.98
C GLN B 191 25.58 27.33 16.36
N ALA B 192 25.70 28.44 17.09
CA ALA B 192 24.51 29.16 17.53
C ALA B 192 23.71 29.69 16.35
N GLN B 193 24.40 30.21 15.33
CA GLN B 193 23.70 30.74 14.17
C GLN B 193 22.86 29.68 13.49
N PHE B 194 23.45 28.49 13.26
CA PHE B 194 22.69 27.41 12.63
C PHE B 194 21.50 26.99 13.48
N GLU B 195 21.72 26.86 14.79
CA GLU B 195 20.63 26.47 15.68
C GLU B 195 19.53 27.53 15.76
N SER B 196 19.83 28.77 15.38
CA SER B 196 18.85 29.84 15.48
C SER B 196 17.77 29.75 14.40
N LYS B 197 17.96 28.90 13.39
CA LYS B 197 16.99 28.77 12.31
C LYS B 197 15.90 27.77 12.61
N ASN B 198 15.96 27.08 13.76
CA ASN B 198 14.96 26.07 14.07
C ASN B 198 13.55 26.66 14.03
N ARG B 199 13.27 27.60 14.94
CA ARG B 199 11.99 28.31 14.94
C ARG B 199 10.82 27.34 14.94
N SER B 200 10.93 26.29 15.76
CA SER B 200 9.87 25.28 15.84
C SER B 200 10.14 24.37 17.02
N PRO B 201 9.12 23.88 17.71
CA PRO B 201 9.34 22.94 18.80
C PRO B 201 9.25 21.49 18.32
N ASN B 202 9.61 20.57 19.22
CA ASN B 202 9.53 19.14 18.97
C ASN B 202 10.61 18.67 18.00
N LYS B 203 11.39 19.60 17.47
CA LYS B 203 12.48 19.29 16.55
C LYS B 203 13.78 19.74 17.20
N GLU B 204 14.72 18.80 17.36
CA GLU B 204 15.99 19.07 18.02
C GLU B 204 17.13 18.86 17.03
N ILE B 205 18.21 19.61 17.25
CA ILE B 205 19.40 19.56 16.40
C ILE B 205 20.55 19.03 17.23
N TYR B 206 21.14 17.92 16.78
CA TYR B 206 22.26 17.29 17.46
C TYR B 206 23.55 17.72 16.77
N CYS B 207 24.15 18.80 17.24
CA CYS B 207 25.35 19.36 16.64
C CYS B 207 26.58 18.66 17.20
N HIS B 208 27.55 18.38 16.33
CA HIS B 208 28.80 17.76 16.72
C HIS B 208 29.94 18.33 15.89
N MET B 209 31.15 18.27 16.45
CA MET B 209 32.35 18.73 15.77
C MET B 209 33.21 17.52 15.44
N THR B 210 33.53 17.35 14.16
CA THR B 210 34.29 16.21 13.68
C THR B 210 35.47 16.68 12.85
N CYS B 211 36.55 15.91 12.89
CA CYS B 211 37.77 16.18 12.14
C CYS B 211 37.95 15.12 11.07
N ALA B 212 38.99 15.29 10.25
CA ALA B 212 39.26 14.32 9.19
C ALA B 212 39.59 12.96 9.77
N THR B 213 40.41 12.92 10.82
CA THR B 213 40.82 11.67 11.46
C THR B 213 39.93 11.39 12.68
N ASP B 214 38.63 11.25 12.41
CA ASP B 214 37.66 10.91 13.44
C ASP B 214 36.88 9.69 12.96
N THR B 215 37.25 8.51 13.47
CA THR B 215 36.58 7.28 13.08
C THR B 215 35.21 7.14 13.75
N ASN B 216 35.03 7.74 14.91
CA ASN B 216 33.79 7.55 15.69
C ASN B 216 32.69 8.51 15.22
N ASN B 217 32.42 8.47 13.92
CA ASN B 217 31.29 9.19 13.35
C ASN B 217 30.03 8.34 13.29
N ALA B 218 30.17 7.03 13.12
CA ALA B 218 28.99 6.15 13.17
C ALA B 218 28.39 6.14 14.57
N GLN B 219 29.23 6.22 15.61
CA GLN B 219 28.72 6.26 16.97
C GLN B 219 27.84 7.47 17.19
N VAL B 220 28.24 8.63 16.67
CA VAL B 220 27.47 9.85 16.88
C VAL B 220 26.09 9.72 16.25
N ILE B 221 26.04 9.19 15.03
CA ILE B 221 24.75 9.01 14.37
C ILE B 221 23.89 8.01 15.12
N PHE B 222 24.50 6.92 15.60
CA PHE B 222 23.73 5.87 16.25
C PHE B 222 23.06 6.39 17.52
N ASP B 223 23.82 7.02 18.40
CA ASP B 223 23.24 7.52 19.65
C ASP B 223 22.25 8.64 19.38
N ALA B 224 22.52 9.49 18.39
CA ALA B 224 21.56 10.53 18.02
C ALA B 224 20.28 9.92 17.49
N VAL B 225 20.39 8.87 16.68
CA VAL B 225 19.21 8.19 16.16
C VAL B 225 18.43 7.53 17.29
N THR B 226 19.13 7.02 18.30
CA THR B 226 18.46 6.38 19.43
C THR B 226 17.53 7.36 20.14
N ASP B 227 18.00 8.59 20.35
CA ASP B 227 17.14 9.60 20.96
C ASP B 227 15.95 9.92 20.08
N ILE B 228 16.16 10.01 18.77
CA ILE B 228 15.06 10.30 17.86
C ILE B 228 14.03 9.18 17.88
N ILE B 229 14.49 7.93 17.89
CA ILE B 229 13.56 6.81 17.92
C ILE B 229 12.74 6.83 19.19
N ILE B 230 13.38 7.10 20.34
CA ILE B 230 12.66 7.12 21.61
C ILE B 230 11.57 8.19 21.57
N ALA B 231 11.91 9.38 21.08
CA ALA B 231 10.91 10.45 21.02
C ALA B 231 9.74 10.07 20.13
N ASN B 232 10.01 9.43 18.99
CA ASN B 232 8.93 8.99 18.12
C ASN B 232 8.03 7.98 18.82
N ASN B 233 8.63 7.02 19.54
CA ASN B 233 7.83 6.05 20.27
C ASN B 233 7.00 6.71 21.36
N LEU B 234 7.55 7.74 22.02
CA LEU B 234 6.78 8.46 23.03
C LEU B 234 5.49 9.01 22.45
N ARG B 235 5.55 9.45 21.18
CA ARG B 235 4.34 9.96 20.53
C ARG B 235 3.36 8.85 20.21
N GLY B 236 3.85 7.75 19.64
CA GLY B 236 2.96 6.66 19.28
C GLY B 236 2.37 5.97 20.49
N CYS B 237 3.19 5.76 21.53
CA CYS B 237 2.73 5.04 22.71
C CYS B 237 1.73 5.84 23.54
N GLY B 238 1.55 7.12 23.25
CA GLY B 238 0.62 7.95 23.97
C GLY B 238 1.16 8.64 25.19
N LEU B 239 2.49 8.60 25.41
CA LEU B 239 3.07 9.28 26.55
C LEU B 239 3.32 10.76 26.28
N TYR B 240 3.02 11.26 25.09
CA TYR B 240 3.19 12.67 24.78
C TYR B 240 2.04 13.16 23.90
N ASP C 15 18.73 43.50 -27.81
CA ASP C 15 18.02 44.62 -27.23
C ASP C 15 16.70 44.87 -27.95
N GLN C 16 16.78 45.07 -29.28
CA GLN C 16 15.57 45.26 -30.06
C GLN C 16 14.70 44.02 -30.07
N LEU C 17 15.33 42.84 -30.02
CA LEU C 17 14.55 41.60 -30.01
C LEU C 17 13.64 41.51 -28.79
N ARG C 18 14.09 42.01 -27.64
CA ARG C 18 13.25 42.00 -26.45
C ARG C 18 11.94 42.74 -26.69
N GLN C 19 12.02 43.93 -27.31
CA GLN C 19 10.80 44.64 -27.68
C GLN C 19 9.99 43.83 -28.69
N GLU C 20 10.67 43.17 -29.62
CA GLU C 20 9.97 42.32 -30.58
C GLU C 20 9.23 41.20 -29.88
N ALA C 21 9.86 40.61 -28.86
CA ALA C 21 9.17 39.56 -28.10
C ALA C 21 7.95 40.10 -27.38
N GLU C 22 8.07 41.26 -26.74
CA GLU C 22 6.96 41.80 -25.97
C GLU C 22 5.77 42.13 -26.86
N GLN C 23 6.03 42.77 -28.01
CA GLN C 23 4.94 43.12 -28.90
C GLN C 23 4.29 41.87 -29.50
N LEU C 24 5.07 40.81 -29.74
CA LEU C 24 4.48 39.56 -30.20
C LEU C 24 3.52 38.99 -29.17
N LYS C 25 3.91 39.03 -27.89
CA LYS C 25 3.02 38.58 -26.84
C LYS C 25 1.74 39.42 -26.80
N ASN C 26 1.88 40.73 -26.98
CA ASN C 26 0.70 41.59 -27.01
C ASN C 26 -0.19 41.24 -28.19
N GLN C 27 0.40 40.96 -29.35
CA GLN C 27 -0.41 40.57 -30.50
C GLN C 27 -1.14 39.26 -30.24
N ILE C 28 -0.46 38.29 -29.62
CA ILE C 28 -1.12 37.03 -29.27
C ILE C 28 -2.29 37.30 -28.34
N ARG C 29 -2.06 38.12 -27.31
CA ARG C 29 -3.14 38.45 -26.37
C ARG C 29 -4.26 39.19 -27.08
N ASP C 30 -3.92 40.10 -28.00
CA ASP C 30 -4.94 40.83 -28.74
C ASP C 30 -5.83 39.87 -29.54
N ALA C 31 -5.20 38.95 -30.28
CA ALA C 31 -5.98 37.98 -31.05
C ALA C 31 -6.75 37.04 -30.13
N ARG C 32 -6.13 36.65 -29.01
CA ARG C 32 -6.80 35.76 -28.07
C ARG C 32 -8.06 36.40 -27.50
N LYS C 33 -7.99 37.70 -27.18
CA LYS C 33 -9.16 38.40 -26.66
C LYS C 33 -10.24 38.57 -27.72
N ALA C 34 -9.83 38.73 -28.99
CA ALA C 34 -10.81 38.94 -30.05
C ALA C 34 -11.74 37.74 -30.19
N CYS C 35 -11.19 36.53 -30.07
CA CYS C 35 -12.01 35.33 -30.22
C CYS C 35 -13.09 35.24 -29.15
N ALA C 36 -12.74 35.58 -27.91
CA ALA C 36 -13.68 35.44 -26.81
C ALA C 36 -14.93 36.27 -27.06
N ASP C 37 -16.07 35.60 -27.18
CA ASP C 37 -17.38 36.24 -27.32
C ASP C 37 -18.29 35.94 -26.14
N ALA C 38 -18.30 34.71 -25.66
CA ALA C 38 -19.12 34.33 -24.53
C ALA C 38 -18.43 33.19 -23.78
N THR C 39 -18.47 33.26 -22.46
CA THR C 39 -17.80 32.25 -21.65
C THR C 39 -18.49 30.89 -21.82
N LEU C 40 -17.76 29.83 -21.47
CA LEU C 40 -18.34 28.50 -21.50
C LEU C 40 -19.53 28.40 -20.57
N SER C 41 -19.41 28.95 -19.36
CA SER C 41 -20.52 28.96 -18.41
C SER C 41 -21.67 29.84 -18.86
N GLN C 42 -21.47 30.69 -19.85
CA GLN C 42 -22.54 31.53 -20.39
C GLN C 42 -23.30 30.85 -21.52
N ILE C 43 -22.74 29.80 -22.12
CA ILE C 43 -23.44 29.07 -23.16
C ILE C 43 -24.15 27.84 -22.61
N THR C 44 -23.62 27.23 -21.55
CA THR C 44 -24.16 26.01 -20.97
C THR C 44 -24.93 26.28 -19.68
N ASN C 45 -25.60 27.44 -19.61
CA ASN C 45 -26.37 27.78 -18.43
C ASN C 45 -27.70 27.05 -18.36
N ASN C 46 -28.32 26.77 -19.50
CA ASN C 46 -29.63 26.14 -19.53
C ASN C 46 -29.56 24.62 -19.57
N ILE C 47 -28.36 24.03 -19.54
CA ILE C 47 -28.22 22.59 -19.48
C ILE C 47 -28.55 22.13 -18.06
N ASP C 48 -29.45 21.15 -17.96
CA ASP C 48 -29.84 20.67 -16.64
C ASP C 48 -28.64 20.03 -15.96
N PRO C 49 -28.48 20.17 -14.65
CA PRO C 49 -27.30 19.62 -13.96
C PRO C 49 -27.25 18.10 -14.07
N VAL C 50 -26.16 17.55 -13.55
CA VAL C 50 -25.96 16.11 -13.52
C VAL C 50 -26.40 15.48 -12.21
N GLY C 51 -26.79 16.29 -11.23
CA GLY C 51 -27.18 15.77 -9.94
C GLY C 51 -25.98 15.39 -9.09
N ARG C 52 -26.27 14.79 -7.95
CA ARG C 52 -25.26 14.35 -7.01
C ARG C 52 -24.72 12.99 -7.46
N ILE C 53 -23.43 12.94 -7.80
CA ILE C 53 -22.80 11.71 -8.22
C ILE C 53 -22.29 10.96 -7.00
N GLN C 54 -23.04 9.95 -6.58
CA GLN C 54 -22.67 9.12 -5.43
C GLN C 54 -21.98 7.87 -5.95
N MET C 55 -20.72 7.70 -5.58
CA MET C 55 -19.92 6.55 -6.01
C MET C 55 -19.32 5.86 -4.79
N ARG C 56 -19.55 4.55 -4.70
CA ARG C 56 -19.15 3.76 -3.54
C ARG C 56 -18.02 2.82 -3.92
N THR C 57 -17.06 2.67 -3.01
CA THR C 57 -15.91 1.81 -3.26
C THR C 57 -16.37 0.38 -3.52
N ARG C 58 -15.74 -0.26 -4.50
CA ARG C 58 -16.03 -1.65 -4.86
C ARG C 58 -14.88 -2.60 -4.60
N ARG C 59 -13.64 -2.12 -4.73
CA ARG C 59 -12.46 -2.93 -4.46
C ARG C 59 -11.49 -2.12 -3.62
N THR C 60 -10.69 -2.83 -2.83
CA THR C 60 -9.65 -2.20 -2.01
C THR C 60 -8.39 -3.05 -2.15
N LEU C 61 -7.53 -2.68 -3.08
CA LEU C 61 -6.33 -3.45 -3.37
C LEU C 61 -5.25 -3.09 -2.37
N ARG C 62 -4.88 -4.05 -1.52
CA ARG C 62 -3.86 -3.84 -0.50
C ARG C 62 -2.73 -4.84 -0.68
N GLY C 63 -1.56 -4.47 -0.18
CA GLY C 63 -0.37 -5.28 -0.36
C GLY C 63 0.86 -4.42 -0.55
N HIS C 64 0.66 -3.16 -0.92
CA HIS C 64 1.76 -2.22 -1.01
C HIS C 64 2.14 -1.75 0.38
N LEU C 65 3.44 -1.66 0.65
CA LEU C 65 3.93 -1.28 1.96
C LEU C 65 4.14 0.22 2.07
N ALA C 66 4.97 0.78 1.19
CA ALA C 66 5.28 2.21 1.22
C ALA C 66 4.16 2.99 0.52
N LYS C 67 4.41 4.27 0.25
CA LYS C 67 3.42 5.13 -0.37
C LYS C 67 3.35 4.85 -1.87
N ILE C 68 2.15 4.88 -2.41
CA ILE C 68 1.94 4.67 -3.85
C ILE C 68 2.05 6.02 -4.56
N TYR C 69 2.88 6.07 -5.59
CA TYR C 69 3.15 7.32 -6.28
C TYR C 69 2.59 7.38 -7.70
N ALA C 70 2.24 6.25 -8.29
CA ALA C 70 1.76 6.23 -9.67
C ALA C 70 0.88 5.01 -9.87
N MET C 71 0.12 5.03 -10.98
CA MET C 71 -0.78 3.94 -11.32
C MET C 71 -1.29 4.17 -12.73
N HIS C 72 -1.48 3.08 -13.48
CA HIS C 72 -1.99 3.15 -14.83
C HIS C 72 -2.91 1.98 -15.10
N TRP C 73 -3.86 2.19 -16.00
CA TRP C 73 -4.85 1.18 -16.36
C TRP C 73 -4.43 0.49 -17.66
N GLY C 74 -4.63 -0.82 -17.72
CA GLY C 74 -4.47 -1.53 -18.97
C GLY C 74 -5.59 -1.20 -19.94
N THR C 75 -5.28 -1.33 -21.23
CA THR C 75 -6.27 -1.00 -22.25
C THR C 75 -7.48 -1.93 -22.20
N ASP C 76 -7.34 -3.09 -21.56
CA ASP C 76 -8.43 -4.04 -21.45
C ASP C 76 -9.36 -3.74 -20.28
N SER C 77 -9.08 -2.68 -19.51
CA SER C 77 -9.95 -2.22 -18.43
C SER C 77 -10.07 -3.23 -17.30
N ARG C 78 -9.14 -4.16 -17.19
CA ARG C 78 -9.17 -5.14 -16.10
C ARG C 78 -7.86 -5.20 -15.32
N LEU C 79 -6.73 -5.02 -15.97
CA LEU C 79 -5.43 -5.10 -15.32
C LEU C 79 -4.97 -3.72 -14.89
N LEU C 80 -4.27 -3.68 -13.75
CA LEU C 80 -3.75 -2.46 -13.17
C LEU C 80 -2.25 -2.62 -12.92
N VAL C 81 -1.54 -1.50 -12.92
CA VAL C 81 -0.15 -1.46 -12.51
C VAL C 81 0.03 -0.30 -11.56
N SER C 82 0.73 -0.53 -10.45
CA SER C 82 0.96 0.49 -9.45
C SER C 82 2.40 0.45 -9.00
N ALA C 83 3.00 1.63 -8.83
CA ALA C 83 4.37 1.77 -8.38
C ALA C 83 4.37 2.38 -6.99
N SER C 84 5.16 1.79 -6.10
CA SER C 84 5.24 2.24 -4.72
C SER C 84 6.69 2.56 -4.36
N GLN C 85 6.85 3.30 -3.26
CA GLN C 85 8.18 3.69 -2.82
C GLN C 85 8.97 2.55 -2.20
N ASP C 86 8.35 1.39 -2.01
CA ASP C 86 9.04 0.23 -1.44
C ASP C 86 9.80 -0.58 -2.47
N GLY C 87 9.86 -0.11 -3.72
CA GLY C 87 10.61 -0.82 -4.74
C GLY C 87 9.88 -1.97 -5.37
N LYS C 88 8.56 -1.96 -5.38
CA LYS C 88 7.75 -3.02 -5.97
C LYS C 88 6.83 -2.42 -7.02
N LEU C 89 6.69 -3.13 -8.13
CA LEU C 89 5.77 -2.78 -9.21
C LEU C 89 4.78 -3.94 -9.36
N ILE C 90 3.57 -3.75 -8.87
CA ILE C 90 2.59 -4.83 -8.74
C ILE C 90 1.55 -4.67 -9.85
N ILE C 91 1.21 -5.77 -10.51
CA ILE C 91 0.15 -5.81 -11.50
C ILE C 91 -1.04 -6.53 -10.88
N TRP C 92 -2.19 -5.86 -10.84
CA TRP C 92 -3.37 -6.39 -10.19
C TRP C 92 -4.41 -6.85 -11.21
N ASP C 93 -5.18 -7.86 -10.83
CA ASP C 93 -6.40 -8.22 -11.52
C ASP C 93 -7.53 -7.47 -10.84
N SER C 94 -8.08 -6.46 -11.52
CA SER C 94 -9.02 -5.55 -10.88
C SER C 94 -10.26 -6.29 -10.38
N TYR C 95 -10.78 -7.20 -11.18
CA TYR C 95 -12.06 -7.85 -10.84
C TYR C 95 -11.92 -8.71 -9.60
N THR C 96 -10.91 -9.58 -9.56
CA THR C 96 -10.73 -10.51 -8.46
C THR C 96 -9.75 -10.03 -7.41
N THR C 97 -9.07 -8.91 -7.63
CA THR C 97 -8.07 -8.39 -6.70
C THR C 97 -6.88 -9.33 -6.55
N ASN C 98 -6.58 -10.09 -7.59
CA ASN C 98 -5.44 -11.00 -7.57
C ASN C 98 -4.19 -10.29 -8.06
N LYS C 99 -3.04 -10.72 -7.56
CA LYS C 99 -1.76 -10.12 -7.92
C LYS C 99 -1.15 -10.95 -9.04
N VAL C 100 -1.23 -10.45 -10.27
CA VAL C 100 -0.72 -11.19 -11.42
C VAL C 100 0.80 -11.23 -11.40
N HIS C 101 1.44 -10.10 -11.12
CA HIS C 101 2.89 -9.99 -11.14
C HIS C 101 3.35 -9.13 -9.98
N ALA C 102 4.64 -9.25 -9.66
CA ALA C 102 5.30 -8.40 -8.69
C ALA C 102 6.75 -8.24 -9.13
N ILE C 103 7.11 -7.05 -9.59
CA ILE C 103 8.39 -6.80 -10.24
C ILE C 103 9.26 -5.99 -9.28
N PRO C 104 10.38 -6.52 -8.81
CA PRO C 104 11.29 -5.70 -8.00
C PRO C 104 12.01 -4.66 -8.86
N LEU C 105 12.28 -3.51 -8.26
CA LEU C 105 12.92 -2.39 -8.93
C LEU C 105 14.34 -2.19 -8.39
N ARG C 106 15.24 -1.81 -9.28
CA ARG C 106 16.62 -1.55 -8.87
C ARG C 106 16.69 -0.40 -7.87
N SER C 107 15.92 0.65 -8.11
CA SER C 107 15.86 1.82 -7.22
C SER C 107 14.44 1.98 -6.72
N SER C 108 14.31 2.24 -5.43
CA SER C 108 13.00 2.36 -4.80
C SER C 108 12.39 3.75 -4.97
N TRP C 109 13.09 4.67 -5.62
CA TRP C 109 12.62 6.04 -5.81
C TRP C 109 11.93 6.10 -7.17
N VAL C 110 10.62 5.84 -7.18
CA VAL C 110 9.83 5.76 -8.40
C VAL C 110 8.70 6.76 -8.30
N MET C 111 8.51 7.56 -9.36
CA MET C 111 7.47 8.58 -9.39
C MET C 111 6.52 8.43 -10.57
N THR C 112 6.63 7.35 -11.35
CA THR C 112 5.75 7.16 -12.49
C THR C 112 5.74 5.69 -12.89
N CYS C 113 4.71 5.32 -13.66
CA CYS C 113 4.60 3.99 -14.22
C CYS C 113 3.56 4.04 -15.34
N ALA C 114 3.77 3.23 -16.37
CA ALA C 114 2.89 3.21 -17.52
C ALA C 114 2.65 1.77 -17.96
N TYR C 115 1.48 1.55 -18.55
CA TYR C 115 1.07 0.25 -19.08
C TYR C 115 0.93 0.36 -20.59
N ALA C 116 1.63 -0.51 -21.31
CA ALA C 116 1.63 -0.44 -22.76
C ALA C 116 0.22 -0.68 -23.30
N PRO C 117 -0.16 -0.03 -24.42
CA PRO C 117 -1.49 -0.29 -24.98
C PRO C 117 -1.72 -1.75 -25.33
N SER C 118 -0.70 -2.45 -25.83
CA SER C 118 -0.85 -3.85 -26.16
C SER C 118 -0.84 -4.76 -24.93
N GLY C 119 -0.36 -4.26 -23.80
CA GLY C 119 -0.28 -5.03 -22.58
C GLY C 119 0.94 -5.91 -22.46
N ASN C 120 1.87 -5.86 -23.42
CA ASN C 120 3.06 -6.70 -23.38
C ASN C 120 4.18 -6.11 -22.55
N TYR C 121 4.25 -4.79 -22.43
CA TYR C 121 5.34 -4.12 -21.72
C TYR C 121 4.78 -3.22 -20.64
N VAL C 122 5.65 -2.86 -19.69
CA VAL C 122 5.34 -1.91 -18.64
C VAL C 122 6.59 -1.06 -18.40
N ALA C 123 6.39 0.19 -18.00
CA ALA C 123 7.47 1.14 -17.86
C ALA C 123 7.49 1.71 -16.45
N CYS C 124 8.68 2.15 -16.03
CA CYS C 124 8.88 2.66 -14.68
C CYS C 124 10.03 3.64 -14.70
N GLY C 125 10.04 4.56 -13.73
CA GLY C 125 11.09 5.55 -13.65
C GLY C 125 10.92 6.39 -12.40
N GLY C 126 11.93 7.22 -12.14
CA GLY C 126 11.91 8.07 -10.97
C GLY C 126 13.18 8.88 -10.77
N LEU C 127 13.61 9.01 -9.52
CA LEU C 127 14.76 9.85 -9.19
C LEU C 127 16.06 9.32 -9.76
N ASP C 128 16.09 8.08 -10.25
CA ASP C 128 17.32 7.55 -10.83
C ASP C 128 17.60 8.11 -12.22
N ASN C 129 16.69 8.91 -12.78
CA ASN C 129 16.87 9.55 -14.07
C ASN C 129 16.87 8.54 -15.22
N ILE C 130 16.27 7.37 -15.02
CA ILE C 130 16.24 6.31 -16.01
C ILE C 130 14.81 5.79 -16.14
N CYS C 131 14.41 5.50 -17.37
CA CYS C 131 13.11 4.89 -17.65
C CYS C 131 13.35 3.40 -17.92
N SER C 132 12.84 2.56 -17.03
CA SER C 132 13.02 1.12 -17.13
C SER C 132 11.80 0.49 -17.78
N ILE C 133 12.03 -0.44 -18.71
CA ILE C 133 10.97 -1.12 -19.44
C ILE C 133 11.09 -2.61 -19.15
N TYR C 134 9.99 -3.21 -18.70
CA TYR C 134 9.96 -4.63 -18.34
C TYR C 134 9.05 -5.37 -19.29
N ASN C 135 9.52 -6.52 -19.79
CA ASN C 135 8.76 -7.33 -20.71
C ASN C 135 7.97 -8.37 -19.93
N LEU C 136 6.65 -8.39 -20.14
CA LEU C 136 5.78 -9.27 -19.37
C LEU C 136 5.56 -10.62 -20.05
N LYS C 137 5.53 -10.67 -21.38
CA LYS C 137 5.30 -11.90 -22.12
C LYS C 137 6.65 -12.47 -22.53
N THR C 138 7.32 -13.09 -21.57
CA THR C 138 8.61 -13.74 -21.81
C THR C 138 8.44 -15.25 -21.84
N ARG C 139 9.30 -15.89 -22.64
CA ARG C 139 9.30 -17.34 -22.72
C ARG C 139 9.80 -18.00 -21.45
N GLU C 140 10.50 -17.27 -20.59
CA GLU C 140 11.04 -17.81 -19.36
C GLU C 140 10.05 -17.75 -18.20
N GLY C 141 8.92 -17.08 -18.37
CA GLY C 141 7.91 -17.01 -17.33
C GLY C 141 8.13 -15.97 -16.28
N ASN C 142 9.23 -15.22 -16.34
CA ASN C 142 9.52 -14.16 -15.38
C ASN C 142 9.60 -12.83 -16.11
N VAL C 143 9.40 -11.74 -15.37
CA VAL C 143 9.46 -10.41 -15.94
C VAL C 143 10.91 -9.93 -15.89
N ARG C 144 11.44 -9.55 -17.06
CA ARG C 144 12.82 -9.13 -17.19
C ARG C 144 12.89 -7.70 -17.72
N VAL C 145 13.89 -6.96 -17.26
CA VAL C 145 14.09 -5.58 -17.70
C VAL C 145 14.59 -5.61 -19.13
N SER C 146 13.72 -5.27 -20.08
CA SER C 146 14.11 -5.35 -21.49
C SER C 146 15.12 -4.27 -21.85
N ARG C 147 14.86 -3.02 -21.44
CA ARG C 147 15.72 -1.91 -21.78
C ARG C 147 15.73 -0.90 -20.65
N GLU C 148 16.83 -0.16 -20.55
CA GLU C 148 16.97 0.95 -19.61
C GLU C 148 17.36 2.19 -20.40
N LEU C 149 16.46 3.18 -20.41
CA LEU C 149 16.64 4.38 -21.20
C LEU C 149 17.27 5.47 -20.35
N ALA C 150 18.43 5.96 -20.78
CA ALA C 150 19.16 7.00 -20.07
C ALA C 150 19.46 8.16 -21.01
N GLY C 151 19.68 9.33 -20.43
CA GLY C 151 19.92 10.52 -21.20
C GLY C 151 19.34 11.76 -20.56
N HIS C 152 18.38 11.58 -19.66
CA HIS C 152 17.84 12.69 -18.89
C HIS C 152 18.76 13.00 -17.72
N THR C 153 19.01 14.29 -17.48
CA THR C 153 19.90 14.73 -16.42
C THR C 153 19.15 15.03 -15.12
N GLY C 154 17.83 14.80 -15.09
CA GLY C 154 17.04 15.01 -13.89
C GLY C 154 16.01 13.92 -13.74
N TYR C 155 15.29 13.96 -12.62
CA TYR C 155 14.32 12.93 -12.31
C TYR C 155 13.29 12.81 -13.44
N LEU C 156 12.60 11.67 -13.44
CA LEU C 156 11.60 11.35 -14.46
C LEU C 156 10.22 11.54 -13.85
N SER C 157 9.38 12.31 -14.52
CA SER C 157 8.07 12.67 -14.00
C SER C 157 6.93 11.82 -14.57
N CYS C 158 6.95 11.54 -15.86
CA CYS C 158 5.83 10.83 -16.49
C CYS C 158 6.36 9.94 -17.60
N CYS C 159 5.57 8.91 -17.92
CA CYS C 159 5.87 7.98 -18.99
C CYS C 159 4.58 7.62 -19.70
N ARG C 160 4.63 7.51 -21.02
CA ARG C 160 3.44 7.13 -21.78
C ARG C 160 3.87 6.43 -23.07
N PHE C 161 3.33 5.24 -23.28
CA PHE C 161 3.65 4.46 -24.47
C PHE C 161 2.87 4.97 -25.68
N LEU C 162 3.54 5.02 -26.83
CA LEU C 162 2.89 5.28 -28.10
C LEU C 162 2.64 4.00 -28.88
N ASP C 163 3.61 3.08 -28.86
CA ASP C 163 3.48 1.77 -29.47
C ASP C 163 4.26 0.79 -28.61
N ASP C 164 4.56 -0.38 -29.17
CA ASP C 164 5.44 -1.33 -28.50
C ASP C 164 6.90 -0.91 -28.57
N ASN C 165 7.22 0.12 -29.37
CA ASN C 165 8.61 0.54 -29.57
C ASN C 165 8.74 2.06 -29.60
N GLN C 166 7.93 2.77 -28.82
CA GLN C 166 7.98 4.22 -28.80
C GLN C 166 7.34 4.72 -27.51
N ILE C 167 8.10 5.49 -26.72
CA ILE C 167 7.65 5.98 -25.42
C ILE C 167 8.05 7.44 -25.29
N VAL C 168 7.17 8.24 -24.69
CA VAL C 168 7.42 9.65 -24.42
C VAL C 168 7.64 9.82 -22.93
N THR C 169 8.71 10.52 -22.57
CA THR C 169 9.09 10.70 -21.17
C THR C 169 9.16 12.18 -20.84
N SER C 170 8.94 12.48 -19.56
CA SER C 170 9.04 13.83 -19.03
C SER C 170 9.97 13.82 -17.82
N SER C 171 10.81 14.84 -17.74
CA SER C 171 11.83 14.89 -16.69
C SER C 171 11.84 16.26 -16.04
N GLY C 172 12.55 16.35 -14.92
CA GLY C 172 12.80 17.62 -14.27
C GLY C 172 13.87 18.46 -14.92
N ASP C 173 14.41 18.01 -16.05
CA ASP C 173 15.37 18.78 -16.82
C ASP C 173 14.76 19.97 -17.53
N THR C 174 13.43 20.12 -17.46
CA THR C 174 12.69 21.12 -18.25
C THR C 174 12.58 20.71 -19.70
N THR C 175 12.67 19.42 -20.00
CA THR C 175 12.59 18.93 -21.37
C THR C 175 11.90 17.58 -21.38
N CYS C 176 11.23 17.28 -22.49
CA CYS C 176 10.63 15.98 -22.76
C CYS C 176 11.44 15.28 -23.83
N ALA C 177 11.10 14.01 -24.08
CA ALA C 177 11.85 13.21 -25.04
C ALA C 177 10.94 12.15 -25.64
N LEU C 178 11.33 11.68 -26.82
CA LEU C 178 10.68 10.56 -27.49
C LEU C 178 11.75 9.53 -27.82
N TRP C 179 11.55 8.30 -27.36
CA TRP C 179 12.56 7.25 -27.44
C TRP C 179 12.16 6.18 -28.45
N ASP C 180 13.16 5.45 -28.91
CA ASP C 180 12.98 4.25 -29.72
C ASP C 180 13.49 3.08 -28.89
N ILE C 181 12.55 2.32 -28.31
CA ILE C 181 12.92 1.33 -27.30
C ILE C 181 13.86 0.29 -27.89
N GLU C 182 13.62 -0.10 -29.15
CA GLU C 182 14.48 -1.10 -29.78
C GLU C 182 15.93 -0.65 -29.75
N THR C 183 16.24 0.46 -30.42
CA THR C 183 17.62 0.96 -30.43
C THR C 183 18.01 1.48 -29.06
N GLY C 184 17.08 2.12 -28.34
CA GLY C 184 17.35 2.69 -27.05
C GLY C 184 17.79 4.14 -27.07
N GLN C 185 17.97 4.73 -28.25
CA GLN C 185 18.42 6.11 -28.35
C GLN C 185 17.25 7.08 -28.28
N GLN C 186 17.58 8.36 -28.15
CA GLN C 186 16.59 9.42 -27.99
C GLN C 186 16.28 9.98 -29.37
N THR C 187 15.10 9.64 -29.90
CA THR C 187 14.75 10.04 -31.26
C THR C 187 14.59 11.55 -31.37
N THR C 188 13.80 12.14 -30.48
CA THR C 188 13.51 13.57 -30.53
C THR C 188 13.52 14.13 -29.12
N THR C 189 13.91 15.40 -29.01
CA THR C 189 13.93 16.11 -27.73
C THR C 189 13.09 17.37 -27.86
N PHE C 190 12.18 17.57 -26.91
CA PHE C 190 11.32 18.74 -26.88
C PHE C 190 11.83 19.70 -25.81
N THR C 191 12.11 20.93 -26.23
CA THR C 191 12.61 21.98 -25.34
C THR C 191 11.76 23.23 -25.49
N GLY C 192 11.80 24.06 -24.45
CA GLY C 192 11.02 25.29 -24.44
C GLY C 192 10.49 25.63 -23.06
N HIS C 193 10.34 24.63 -22.20
CA HIS C 193 9.92 24.89 -20.84
C HIS C 193 11.05 25.56 -20.07
N THR C 194 10.69 26.30 -19.03
CA THR C 194 11.64 26.98 -18.16
C THR C 194 11.60 26.45 -16.74
N GLY C 195 11.08 25.25 -16.55
CA GLY C 195 10.99 24.65 -15.23
C GLY C 195 10.74 23.17 -15.36
N ASP C 196 10.74 22.49 -14.20
CA ASP C 196 10.54 21.06 -14.20
C ASP C 196 9.22 20.70 -14.88
N VAL C 197 9.26 19.66 -15.71
CA VAL C 197 8.07 19.13 -16.35
C VAL C 197 7.50 18.04 -15.45
N MET C 198 6.23 18.20 -15.06
CA MET C 198 5.65 17.34 -14.03
C MET C 198 4.66 16.32 -14.56
N SER C 199 4.18 16.48 -15.79
CA SER C 199 3.20 15.54 -16.32
C SER C 199 3.03 15.77 -17.82
N LEU C 200 2.41 14.79 -18.47
CA LEU C 200 2.08 14.88 -19.88
C LEU C 200 0.95 13.91 -20.17
N SER C 201 0.22 14.18 -21.24
CA SER C 201 -0.89 13.33 -21.66
C SER C 201 -0.87 13.19 -23.17
N LEU C 202 -1.08 11.97 -23.66
CA LEU C 202 -1.08 11.72 -25.09
C LEU C 202 -2.48 11.91 -25.66
N ALA C 203 -2.55 12.56 -26.82
CA ALA C 203 -3.83 12.73 -27.49
C ALA C 203 -4.37 11.37 -27.94
N PRO C 204 -5.68 11.25 -28.10
CA PRO C 204 -6.23 9.94 -28.48
C PRO C 204 -5.65 9.39 -29.77
N ASP C 205 -5.33 10.25 -30.73
CA ASP C 205 -4.73 9.81 -31.99
C ASP C 205 -3.22 9.65 -31.91
N THR C 206 -2.62 9.92 -30.75
CA THR C 206 -1.18 9.73 -30.54
C THR C 206 -0.37 10.47 -31.60
N ARG C 207 -0.80 11.69 -31.93
CA ARG C 207 -0.03 12.58 -32.78
C ARG C 207 0.34 13.90 -32.11
N LEU C 208 -0.36 14.28 -31.04
CA LEU C 208 -0.04 15.47 -30.26
C LEU C 208 -0.08 15.10 -28.79
N PHE C 209 0.70 15.83 -27.98
CA PHE C 209 0.65 15.65 -26.54
C PHE C 209 0.96 16.97 -25.87
N VAL C 210 0.41 17.15 -24.67
CA VAL C 210 0.59 18.36 -23.88
C VAL C 210 1.38 18.00 -22.63
N SER C 211 2.06 18.99 -22.06
CA SER C 211 2.86 18.79 -20.85
C SER C 211 2.67 19.97 -19.92
N GLY C 212 2.59 19.69 -18.62
CA GLY C 212 2.51 20.72 -17.60
C GLY C 212 3.83 20.78 -16.84
N ALA C 213 4.37 21.99 -16.71
CA ALA C 213 5.68 22.20 -16.10
C ALA C 213 5.53 23.07 -14.86
N CYS C 214 6.64 23.27 -14.17
CA CYS C 214 6.67 24.06 -12.95
C CYS C 214 6.74 25.56 -13.21
N ASP C 215 6.91 25.97 -14.46
CA ASP C 215 6.86 27.40 -14.80
C ASP C 215 5.44 27.92 -14.94
N ALA C 216 4.44 27.16 -14.48
CA ALA C 216 3.05 27.58 -14.52
C ALA C 216 2.60 27.79 -15.97
N SER C 217 2.83 26.79 -16.80
CA SER C 217 2.41 26.85 -18.19
C SER C 217 2.33 25.44 -18.75
N ALA C 218 1.59 25.30 -19.84
CA ALA C 218 1.50 24.07 -20.60
C ALA C 218 1.62 24.38 -22.09
N LYS C 219 2.14 23.43 -22.85
CA LYS C 219 2.34 23.63 -24.27
C LYS C 219 2.02 22.35 -25.02
N LEU C 220 1.55 22.53 -26.26
CA LEU C 220 1.12 21.44 -27.13
C LEU C 220 2.24 21.15 -28.12
N TRP C 221 2.68 19.89 -28.15
CA TRP C 221 3.85 19.48 -28.93
C TRP C 221 3.43 18.51 -30.03
N ASP C 222 3.95 18.75 -31.23
CA ASP C 222 3.71 17.87 -32.36
C ASP C 222 4.77 16.77 -32.34
N VAL C 223 4.36 15.55 -32.02
CA VAL C 223 5.32 14.46 -31.84
C VAL C 223 6.08 14.20 -33.14
N ARG C 224 5.42 14.28 -34.28
CA ARG C 224 6.08 14.05 -35.55
C ARG C 224 7.09 15.14 -35.89
N GLU C 225 6.77 16.39 -35.58
CA GLU C 225 7.61 17.52 -35.99
C GLU C 225 8.56 18.00 -34.91
N GLY C 226 8.34 17.63 -33.65
CA GLY C 226 9.20 18.12 -32.59
C GLY C 226 9.15 19.62 -32.41
N MET C 227 7.95 20.20 -32.47
CA MET C 227 7.77 21.64 -32.42
C MET C 227 6.68 21.98 -31.43
N CYS C 228 6.83 23.13 -30.78
CA CYS C 228 5.85 23.63 -29.81
C CYS C 228 4.78 24.38 -30.60
N ARG C 229 3.63 23.73 -30.79
CA ARG C 229 2.59 24.32 -31.62
C ARG C 229 1.87 25.46 -30.90
N GLN C 230 1.66 25.31 -29.59
CA GLN C 230 0.91 26.31 -28.81
C GLN C 230 1.38 26.27 -27.37
N THR C 231 1.12 27.38 -26.67
CA THR C 231 1.44 27.50 -25.25
C THR C 231 0.26 28.08 -24.51
N PHE C 232 -0.02 27.56 -23.32
CA PHE C 232 -1.19 27.92 -22.55
C PHE C 232 -0.76 28.35 -21.15
N THR C 233 -1.24 29.51 -20.71
CA THR C 233 -0.92 30.06 -19.41
C THR C 233 -2.21 30.41 -18.68
N GLY C 234 -2.07 30.80 -17.42
CA GLY C 234 -3.21 31.17 -16.60
C GLY C 234 -3.10 30.71 -15.16
N HIS C 235 -2.31 29.66 -14.92
CA HIS C 235 -2.12 29.17 -13.57
C HIS C 235 -1.17 30.09 -12.81
N GLU C 236 -1.42 30.21 -11.50
CA GLU C 236 -0.60 31.03 -10.63
C GLU C 236 0.59 30.28 -10.04
N SER C 237 0.66 28.96 -10.24
CA SER C 237 1.73 28.16 -9.64
C SER C 237 2.04 27.01 -10.59
N ASP C 238 2.83 26.05 -10.10
CA ASP C 238 3.26 24.93 -10.92
C ASP C 238 2.08 24.00 -11.22
N ILE C 239 2.09 23.42 -12.43
CA ILE C 239 1.06 22.48 -12.85
C ILE C 239 1.49 21.08 -12.44
N ASN C 240 0.61 20.34 -11.77
CA ASN C 240 0.93 19.04 -11.24
C ASN C 240 0.37 17.88 -12.06
N ALA C 241 -0.74 18.09 -12.77
CA ALA C 241 -1.36 17.03 -13.54
C ALA C 241 -2.01 17.62 -14.77
N ILE C 242 -2.24 16.76 -15.77
CA ILE C 242 -2.79 17.20 -17.05
C ILE C 242 -3.47 16.01 -17.70
N CYS C 243 -4.58 16.27 -18.38
CA CYS C 243 -5.32 15.23 -19.08
C CYS C 243 -6.03 15.82 -20.29
N PHE C 244 -6.04 15.06 -21.38
CA PHE C 244 -6.76 15.46 -22.58
C PHE C 244 -8.25 15.22 -22.43
N PHE C 245 -9.04 16.06 -23.09
CA PHE C 245 -10.46 15.80 -23.24
C PHE C 245 -10.66 14.56 -24.11
N PRO C 246 -11.73 13.79 -23.89
CA PRO C 246 -11.89 12.55 -24.67
C PRO C 246 -11.89 12.75 -26.17
N ASN C 247 -12.38 13.89 -26.65
CA ASN C 247 -12.44 14.13 -28.09
C ASN C 247 -11.14 14.74 -28.64
N GLY C 248 -10.16 15.00 -27.79
CA GLY C 248 -8.86 15.45 -28.25
C GLY C 248 -8.77 16.90 -28.63
N ASN C 249 -9.79 17.70 -28.36
CA ASN C 249 -9.80 19.12 -28.70
C ASN C 249 -9.75 20.02 -27.46
N ALA C 250 -9.41 19.47 -26.30
CA ALA C 250 -9.30 20.25 -25.07
C ALA C 250 -8.56 19.41 -24.05
N PHE C 251 -8.10 20.08 -22.99
CA PHE C 251 -7.41 19.38 -21.91
C PHE C 251 -7.61 20.15 -20.61
N ALA C 252 -7.40 19.46 -19.50
CA ALA C 252 -7.53 20.03 -18.17
C ALA C 252 -6.20 19.91 -17.44
N THR C 253 -5.92 20.87 -16.56
CA THR C 253 -4.67 20.93 -15.84
C THR C 253 -4.94 21.11 -14.35
N GLY C 254 -4.12 20.48 -13.53
CA GLY C 254 -4.17 20.64 -12.08
C GLY C 254 -2.89 21.28 -11.59
N SER C 255 -3.03 22.16 -10.61
CA SER C 255 -1.90 22.96 -10.13
C SER C 255 -1.96 23.09 -8.62
N ASP C 256 -0.86 23.59 -8.05
CA ASP C 256 -0.82 23.91 -6.63
C ASP C 256 -1.67 25.13 -6.29
N ASP C 257 -2.15 25.86 -7.30
CA ASP C 257 -3.04 26.99 -7.08
C ASP C 257 -4.39 26.58 -6.53
N ALA C 258 -4.64 25.29 -6.32
CA ALA C 258 -5.90 24.78 -5.80
C ALA C 258 -7.04 24.99 -6.80
N THR C 259 -6.71 25.05 -8.09
CA THR C 259 -7.72 25.21 -9.12
C THR C 259 -7.36 24.32 -10.31
N CYS C 260 -8.40 23.92 -11.04
CA CYS C 260 -8.25 23.22 -12.31
C CYS C 260 -8.83 24.09 -13.41
N ARG C 261 -8.21 24.05 -14.59
CA ARG C 261 -8.61 24.88 -15.70
C ARG C 261 -8.76 24.04 -16.96
N LEU C 262 -9.70 24.42 -17.81
CA LEU C 262 -9.98 23.71 -19.05
C LEU C 262 -9.60 24.61 -20.22
N PHE C 263 -8.70 24.13 -21.07
CA PHE C 263 -8.25 24.86 -22.24
C PHE C 263 -8.78 24.21 -23.51
N ASP C 264 -8.84 25.00 -24.58
CA ASP C 264 -9.30 24.53 -25.88
C ASP C 264 -8.22 24.82 -26.93
N LEU C 265 -7.78 23.77 -27.62
CA LEU C 265 -6.70 23.93 -28.58
C LEU C 265 -7.12 24.83 -29.74
N ARG C 266 -8.30 24.59 -30.31
CA ARG C 266 -8.73 25.39 -31.46
C ARG C 266 -8.94 26.84 -31.07
N ALA C 267 -9.62 27.09 -29.94
CA ALA C 267 -9.82 28.47 -29.50
C ALA C 267 -8.52 29.07 -28.97
N ASP C 268 -7.64 28.25 -28.39
CA ASP C 268 -6.35 28.72 -27.88
C ASP C 268 -6.53 29.64 -26.68
N GLN C 269 -7.38 29.24 -25.74
CA GLN C 269 -7.64 30.04 -24.55
C GLN C 269 -7.96 29.11 -23.39
N GLU C 270 -8.42 29.71 -22.29
CA GLU C 270 -8.88 28.98 -21.13
C GLU C 270 -10.41 29.08 -21.09
N LEU C 271 -11.08 27.94 -21.10
CA LEU C 271 -12.54 27.94 -21.21
C LEU C 271 -13.20 28.15 -19.85
N MET C 272 -12.70 27.51 -18.80
CA MET C 272 -13.39 27.52 -17.53
C MET C 272 -12.41 27.21 -16.41
N THR C 273 -12.80 27.57 -15.19
CA THR C 273 -12.02 27.30 -13.99
C THR C 273 -12.89 26.52 -13.01
N TYR C 274 -12.23 25.70 -12.19
CA TYR C 274 -12.91 24.78 -11.27
C TYR C 274 -12.42 25.03 -9.85
N SER C 275 -12.42 26.29 -9.45
CA SER C 275 -11.98 26.69 -8.12
C SER C 275 -13.16 26.84 -7.17
N HIS C 276 -12.93 26.47 -5.91
CA HIS C 276 -13.93 26.62 -4.86
C HIS C 276 -13.28 27.26 -3.65
N ASP C 277 -14.03 28.14 -2.99
CA ASP C 277 -13.48 28.91 -1.88
C ASP C 277 -13.00 28.00 -0.75
N ASN C 278 -13.59 26.82 -0.60
CA ASN C 278 -13.23 25.91 0.47
C ASN C 278 -12.01 25.06 0.15
N ILE C 279 -11.49 25.13 -1.07
CA ILE C 279 -10.32 24.35 -1.46
C ILE C 279 -9.08 25.22 -1.28
N ILE C 280 -8.11 24.73 -0.51
CA ILE C 280 -6.93 25.50 -0.17
C ILE C 280 -5.67 24.78 -0.65
N CYS C 281 -5.78 23.48 -0.91
CA CYS C 281 -4.65 22.65 -1.27
C CYS C 281 -4.59 22.47 -2.78
N GLY C 282 -3.48 21.89 -3.25
CA GLY C 282 -3.27 21.70 -4.68
C GLY C 282 -3.79 20.37 -5.18
N ILE C 283 -3.93 20.28 -6.51
CA ILE C 283 -4.41 19.09 -7.18
C ILE C 283 -3.21 18.23 -7.55
N THR C 284 -3.29 16.93 -7.24
CA THR C 284 -2.21 16.02 -7.56
C THR C 284 -2.46 15.24 -8.84
N SER C 285 -3.73 14.97 -9.17
CA SER C 285 -4.07 14.21 -10.36
C SER C 285 -5.35 14.76 -10.95
N VAL C 286 -5.52 14.57 -12.26
CA VAL C 286 -6.70 15.00 -12.99
C VAL C 286 -7.06 13.93 -14.00
N SER C 287 -8.36 13.67 -14.14
CA SER C 287 -8.83 12.68 -15.10
C SER C 287 -10.25 13.04 -15.53
N PHE C 288 -10.63 12.51 -16.69
CA PHE C 288 -11.95 12.73 -17.26
C PHE C 288 -12.75 11.44 -17.22
N SER C 289 -14.04 11.56 -17.51
CA SER C 289 -14.89 10.40 -17.72
C SER C 289 -14.94 10.06 -19.20
N LYS C 290 -15.58 8.92 -19.51
CA LYS C 290 -15.65 8.48 -20.90
C LYS C 290 -16.38 9.50 -21.76
N SER C 291 -17.47 10.06 -21.26
CA SER C 291 -18.22 11.06 -22.01
C SER C 291 -17.50 12.40 -22.07
N GLY C 292 -16.76 12.75 -21.03
CA GLY C 292 -16.14 14.05 -20.93
C GLY C 292 -16.92 15.07 -20.15
N ARG C 293 -17.94 14.64 -19.40
CA ARG C 293 -18.75 15.55 -18.60
C ARG C 293 -18.27 15.68 -17.16
N LEU C 294 -17.74 14.60 -16.58
CA LEU C 294 -17.19 14.64 -15.24
C LEU C 294 -15.69 14.87 -15.33
N LEU C 295 -15.14 15.60 -14.36
CA LEU C 295 -13.71 15.89 -14.28
C LEU C 295 -13.26 15.56 -12.86
N LEU C 296 -12.56 14.46 -12.70
CA LEU C 296 -12.15 13.96 -11.39
C LEU C 296 -10.73 14.42 -11.09
N ALA C 297 -10.54 15.02 -9.92
CA ALA C 297 -9.23 15.52 -9.50
C ALA C 297 -8.95 15.08 -8.08
N GLY C 298 -7.68 14.78 -7.79
CA GLY C 298 -7.26 14.38 -6.46
C GLY C 298 -6.44 15.47 -5.80
N TYR C 299 -6.82 15.80 -4.57
CA TYR C 299 -6.22 16.89 -3.81
C TYR C 299 -5.37 16.33 -2.67
N ASP C 300 -4.69 17.23 -1.97
CA ASP C 300 -3.88 16.86 -0.82
C ASP C 300 -4.69 16.69 0.45
N ASP C 301 -5.97 17.07 0.44
CA ASP C 301 -6.83 16.94 1.62
C ASP C 301 -7.45 15.56 1.76
N PHE C 302 -6.89 14.56 1.08
CA PHE C 302 -7.30 13.17 1.19
C PHE C 302 -8.64 12.90 0.52
N ASN C 303 -9.00 13.71 -0.47
CA ASN C 303 -10.28 13.59 -1.15
C ASN C 303 -10.10 13.80 -2.65
N CYS C 304 -11.07 13.32 -3.41
CA CYS C 304 -11.18 13.59 -4.83
C CYS C 304 -12.53 14.21 -5.11
N ASN C 305 -12.53 15.33 -5.82
CA ASN C 305 -13.76 16.08 -6.10
C ASN C 305 -14.16 15.86 -7.55
N VAL C 306 -15.43 15.52 -7.76
CA VAL C 306 -15.99 15.33 -9.10
C VAL C 306 -16.65 16.64 -9.50
N TRP C 307 -16.22 17.19 -10.63
CA TRP C 307 -16.70 18.47 -11.13
C TRP C 307 -17.56 18.25 -12.36
N ASP C 308 -18.65 18.99 -12.47
CA ASP C 308 -19.44 19.00 -13.70
C ASP C 308 -18.69 19.81 -14.74
N ALA C 309 -17.86 19.13 -15.55
CA ALA C 309 -16.90 19.81 -16.40
C ALA C 309 -17.54 20.89 -17.27
N LEU C 310 -18.85 20.83 -17.47
CA LEU C 310 -19.51 21.83 -18.30
C LEU C 310 -20.01 23.03 -17.51
N LYS C 311 -20.23 22.89 -16.20
CA LYS C 311 -20.75 23.99 -15.39
C LYS C 311 -19.90 24.31 -14.17
N ALA C 312 -18.87 23.53 -13.86
CA ALA C 312 -17.98 23.80 -12.73
C ALA C 312 -18.77 23.82 -11.42
N ASP C 313 -19.40 22.68 -11.12
CA ASP C 313 -20.11 22.49 -9.87
C ASP C 313 -19.69 21.16 -9.25
N ARG C 314 -19.41 21.18 -7.95
CA ARG C 314 -19.01 19.96 -7.25
C ARG C 314 -20.19 18.99 -7.27
N ALA C 315 -20.06 17.92 -8.05
CA ALA C 315 -21.12 16.93 -8.20
C ALA C 315 -20.94 15.75 -7.24
N GLY C 316 -19.88 15.75 -6.45
CA GLY C 316 -19.66 14.67 -5.50
C GLY C 316 -18.24 14.67 -5.00
N VAL C 317 -17.99 13.78 -4.05
CA VAL C 317 -16.67 13.65 -3.44
C VAL C 317 -16.41 12.16 -3.19
N LEU C 318 -15.18 11.74 -3.44
CA LEU C 318 -14.74 10.37 -3.18
C LEU C 318 -13.96 10.40 -1.87
N ALA C 319 -14.69 10.33 -0.76
CA ALA C 319 -14.10 10.42 0.57
C ALA C 319 -13.53 9.06 0.95
N GLY C 320 -12.22 8.93 0.83
CA GLY C 320 -11.53 7.69 1.15
C GLY C 320 -10.05 7.98 1.35
N HIS C 321 -9.33 6.93 1.73
CA HIS C 321 -7.89 7.04 1.96
C HIS C 321 -7.61 7.92 3.17
N ASP C 322 -6.51 7.65 3.87
CA ASP C 322 -6.13 8.41 5.05
C ASP C 322 -4.98 9.37 4.80
N ASN C 323 -4.54 9.49 3.54
CA ASN C 323 -3.42 10.35 3.21
C ASN C 323 -3.62 10.94 1.83
N ARG C 324 -2.61 11.65 1.34
CA ARG C 324 -2.73 12.37 0.08
C ARG C 324 -2.99 11.41 -1.07
N VAL C 325 -3.91 11.79 -1.95
CA VAL C 325 -4.20 11.02 -3.16
C VAL C 325 -3.17 11.40 -4.21
N SER C 326 -2.40 10.42 -4.68
CA SER C 326 -1.28 10.70 -5.56
C SER C 326 -1.55 10.39 -7.03
N CYS C 327 -2.54 9.55 -7.34
CA CYS C 327 -2.81 9.14 -8.71
C CYS C 327 -4.29 8.90 -8.92
N LEU C 328 -4.72 9.05 -10.16
CA LEU C 328 -6.10 8.79 -10.57
C LEU C 328 -6.09 7.99 -11.87
N GLY C 329 -7.21 7.34 -12.15
CA GLY C 329 -7.34 6.58 -13.38
C GLY C 329 -8.79 6.24 -13.65
N VAL C 330 -9.16 6.30 -14.92
CA VAL C 330 -10.48 5.92 -15.38
C VAL C 330 -10.31 4.90 -16.50
N THR C 331 -11.05 3.80 -16.43
CA THR C 331 -10.89 2.73 -17.39
C THR C 331 -11.29 3.19 -18.78
N ASP C 332 -10.72 2.52 -19.80
CA ASP C 332 -11.03 2.89 -21.17
C ASP C 332 -12.51 2.72 -21.47
N ASP C 333 -13.21 1.87 -20.73
CA ASP C 333 -14.65 1.65 -20.92
C ASP C 333 -15.44 2.52 -19.95
N GLY C 334 -14.78 3.26 -19.08
CA GLY C 334 -15.47 4.17 -18.20
C GLY C 334 -16.31 3.51 -17.14
N MET C 335 -16.00 2.26 -16.78
CA MET C 335 -16.81 1.50 -15.82
C MET C 335 -16.32 1.64 -14.39
N ALA C 336 -15.22 2.34 -14.14
CA ALA C 336 -14.69 2.45 -12.79
C ALA C 336 -13.64 3.55 -12.74
N VAL C 337 -13.33 3.97 -11.52
CA VAL C 337 -12.29 4.96 -11.24
C VAL C 337 -11.41 4.40 -10.14
N ALA C 338 -10.09 4.42 -10.36
CA ALA C 338 -9.13 3.95 -9.38
C ALA C 338 -8.32 5.13 -8.88
N THR C 339 -8.04 5.13 -7.57
CA THR C 339 -7.27 6.20 -6.93
C THR C 339 -6.25 5.56 -6.00
N GLY C 340 -5.04 6.11 -6.00
CA GLY C 340 -4.01 5.68 -5.07
C GLY C 340 -3.59 6.83 -4.19
N SER C 341 -3.18 6.49 -2.97
CA SER C 341 -2.80 7.48 -1.97
C SER C 341 -1.52 7.07 -1.27
N TRP C 342 -0.99 7.97 -0.45
CA TRP C 342 0.22 7.71 0.30
C TRP C 342 0.02 6.72 1.43
N ASP C 343 -1.23 6.34 1.72
CA ASP C 343 -1.52 5.35 2.75
C ASP C 343 -1.28 3.92 2.27
N SER C 344 -0.82 3.74 1.02
CA SER C 344 -0.48 2.42 0.49
C SER C 344 -1.72 1.58 0.26
N PHE C 345 -2.77 2.19 -0.31
CA PHE C 345 -3.98 1.47 -0.66
C PHE C 345 -4.53 2.03 -1.95
N LEU C 346 -4.98 1.14 -2.84
CA LEU C 346 -5.68 1.51 -4.06
C LEU C 346 -7.14 1.15 -3.90
N LYS C 347 -8.02 2.03 -4.35
CA LYS C 347 -9.46 1.83 -4.24
C LYS C 347 -10.10 2.08 -5.60
N ILE C 348 -11.05 1.21 -5.95
CA ILE C 348 -11.77 1.30 -7.21
C ILE C 348 -13.20 1.74 -6.91
N TRP C 349 -13.65 2.77 -7.61
CA TRP C 349 -14.94 3.39 -7.36
C TRP C 349 -15.83 3.23 -8.59
N ASN C 350 -17.12 3.18 -8.36
CA ASN C 350 -18.08 2.98 -9.44
C ASN C 350 -19.37 3.73 -9.15
N ILE D 9 22.26 37.04 -25.88
CA ILE D 9 22.20 37.71 -27.17
C ILE D 9 21.74 36.73 -28.24
N ALA D 10 22.05 35.45 -28.03
CA ALA D 10 21.64 34.38 -28.94
C ALA D 10 20.55 33.49 -28.35
N GLN D 11 20.41 33.44 -27.04
CA GLN D 11 19.35 32.65 -26.43
C GLN D 11 17.97 33.16 -26.80
N ALA D 12 17.78 34.47 -26.82
CA ALA D 12 16.47 35.06 -27.12
C ALA D 12 16.18 35.13 -28.61
N ARG D 13 17.14 34.78 -29.47
CA ARG D 13 16.88 34.75 -30.90
C ARG D 13 15.82 33.70 -31.24
N LYS D 14 15.92 32.52 -30.63
CA LYS D 14 14.93 31.48 -30.88
C LYS D 14 13.63 31.77 -30.15
N LEU D 15 13.68 32.48 -29.02
CA LEU D 15 12.46 32.79 -28.28
C LEU D 15 11.52 33.64 -29.11
N VAL D 16 12.06 34.66 -29.79
CA VAL D 16 11.22 35.48 -30.66
C VAL D 16 10.74 34.67 -31.84
N GLU D 17 11.57 33.75 -32.33
CA GLU D 17 11.17 32.93 -33.48
C GLU D 17 9.97 32.06 -33.12
N GLN D 18 9.96 31.48 -31.93
CA GLN D 18 8.83 30.66 -31.52
C GLN D 18 7.56 31.47 -31.44
N LEU D 19 7.63 32.67 -30.84
CA LEU D 19 6.43 33.48 -30.68
C LEU D 19 5.82 33.83 -32.03
N LYS D 20 6.66 34.11 -33.03
CA LYS D 20 6.15 34.36 -34.37
C LYS D 20 5.38 33.15 -34.90
N MET D 21 5.92 31.96 -34.68
CA MET D 21 5.22 30.75 -35.12
C MET D 21 3.91 30.56 -34.36
N GLU D 22 3.92 30.79 -33.06
CA GLU D 22 2.72 30.58 -32.25
C GLU D 22 1.67 31.65 -32.48
N ALA D 23 2.07 32.86 -32.88
CA ALA D 23 1.13 33.95 -33.07
C ALA D 23 0.32 33.82 -34.35
N ASN D 24 0.80 33.06 -35.32
CA ASN D 24 0.11 32.87 -36.60
C ASN D 24 -0.64 31.54 -36.53
N ILE D 25 -1.81 31.56 -35.91
CA ILE D 25 -2.67 30.40 -35.78
C ILE D 25 -4.09 30.81 -36.15
N ASP D 26 -4.74 30.00 -36.99
CA ASP D 26 -6.12 30.27 -37.40
C ASP D 26 -7.03 29.87 -36.25
N ARG D 27 -7.36 30.83 -35.40
CA ARG D 27 -8.18 30.57 -34.24
C ARG D 27 -9.67 30.61 -34.61
N ILE D 28 -10.50 30.13 -33.68
CA ILE D 28 -11.95 30.13 -33.85
C ILE D 28 -12.59 30.66 -32.57
N LYS D 29 -13.83 31.11 -32.72
CA LYS D 29 -14.54 31.71 -31.59
C LYS D 29 -14.70 30.69 -30.46
N VAL D 30 -14.64 31.18 -29.23
CA VAL D 30 -14.89 30.31 -28.08
C VAL D 30 -16.32 29.80 -28.10
N SER D 31 -17.24 30.60 -28.66
CA SER D 31 -18.63 30.15 -28.77
C SER D 31 -18.72 28.85 -29.57
N LYS D 32 -18.08 28.81 -30.73
CA LYS D 32 -18.05 27.59 -31.52
C LYS D 32 -17.28 26.50 -30.79
N ALA D 33 -16.13 26.84 -30.20
CA ALA D 33 -15.33 25.85 -29.49
C ALA D 33 -16.07 25.31 -28.28
N ALA D 34 -16.72 26.19 -27.52
CA ALA D 34 -17.48 25.74 -26.36
C ALA D 34 -18.67 24.87 -26.78
N ALA D 35 -19.36 25.26 -27.84
CA ALA D 35 -20.49 24.48 -28.31
C ALA D 35 -20.07 23.09 -28.73
N ASP D 36 -18.93 22.98 -29.41
CA ASP D 36 -18.44 21.67 -29.83
C ASP D 36 -18.21 20.76 -28.63
N LEU D 37 -17.65 21.31 -27.56
CA LEU D 37 -17.48 20.52 -26.34
C LEU D 37 -18.82 20.07 -25.78
N MET D 38 -19.82 20.95 -25.81
CA MET D 38 -21.13 20.59 -25.29
C MET D 38 -21.77 19.50 -26.14
N ALA D 39 -21.64 19.59 -27.46
CA ALA D 39 -22.27 18.62 -28.34
C ALA D 39 -21.69 17.22 -28.12
N TYR D 40 -20.36 17.11 -28.02
CA TYR D 40 -19.74 15.80 -27.87
C TYR D 40 -20.17 15.15 -26.56
N CYS D 41 -20.04 15.88 -25.45
CA CYS D 41 -20.39 15.30 -24.15
C CYS D 41 -21.86 14.95 -24.06
N GLU D 42 -22.71 15.52 -24.93
CA GLU D 42 -24.11 15.14 -24.95
C GLU D 42 -24.35 13.92 -25.83
N ALA D 43 -23.71 13.87 -27.01
CA ALA D 43 -23.87 12.72 -27.88
C ALA D 43 -23.40 11.44 -27.21
N HIS D 44 -22.20 11.46 -26.65
CA HIS D 44 -21.66 10.29 -25.95
C HIS D 44 -22.01 10.33 -24.46
N ALA D 45 -23.28 10.55 -24.16
CA ALA D 45 -23.74 10.62 -22.78
C ALA D 45 -24.40 9.35 -22.31
N LYS D 46 -24.96 8.56 -23.22
CA LYS D 46 -25.61 7.31 -22.85
C LYS D 46 -24.62 6.18 -22.65
N GLU D 47 -23.36 6.37 -23.06
CA GLU D 47 -22.33 5.35 -22.93
C GLU D 47 -21.37 5.65 -21.78
N ASP D 48 -21.80 6.42 -20.78
CA ASP D 48 -20.94 6.79 -19.66
C ASP D 48 -21.47 6.16 -18.39
N PRO D 49 -20.92 5.03 -17.95
CA PRO D 49 -21.43 4.38 -16.73
C PRO D 49 -21.36 5.27 -15.50
N LEU D 50 -20.34 6.13 -15.40
CA LEU D 50 -20.18 6.94 -14.19
C LEU D 50 -21.23 8.03 -14.10
N LEU D 51 -21.52 8.70 -15.23
CA LEU D 51 -22.48 9.79 -15.21
C LEU D 51 -23.86 9.30 -14.80
N THR D 52 -24.30 8.16 -15.34
CA THR D 52 -25.57 7.55 -15.00
C THR D 52 -25.34 6.14 -14.49
N PRO D 53 -25.78 5.81 -13.27
CA PRO D 53 -25.49 4.47 -12.73
C PRO D 53 -25.99 3.38 -13.66
N VAL D 54 -25.16 2.34 -13.82
CA VAL D 54 -25.47 1.23 -14.71
C VAL D 54 -26.21 0.17 -13.91
N PRO D 55 -27.10 -0.61 -14.51
CA PRO D 55 -27.81 -1.65 -13.76
C PRO D 55 -26.82 -2.62 -13.12
N ALA D 56 -27.16 -3.07 -11.91
CA ALA D 56 -26.25 -3.91 -11.13
C ALA D 56 -25.93 -5.23 -11.84
N SER D 57 -26.75 -5.65 -12.80
CA SER D 57 -26.49 -6.89 -13.52
C SER D 57 -25.35 -6.74 -14.51
N GLU D 58 -25.14 -5.54 -15.06
CA GLU D 58 -24.11 -5.30 -16.06
C GLU D 58 -22.84 -4.70 -15.47
N ASN D 59 -22.73 -4.63 -14.14
CA ASN D 59 -21.58 -3.99 -13.50
C ASN D 59 -20.55 -5.05 -13.14
N PRO D 60 -19.36 -5.06 -13.75
CA PRO D 60 -18.36 -6.07 -13.38
C PRO D 60 -17.89 -5.96 -11.93
N PHE D 61 -18.03 -4.80 -11.30
CA PHE D 61 -17.62 -4.62 -9.92
C PHE D 61 -18.83 -4.68 -8.99
N ASP E 1 17.50 -21.78 -24.56
CA ASP E 1 16.12 -22.04 -24.92
C ASP E 1 15.45 -22.96 -23.89
N VAL E 2 14.12 -22.89 -23.81
CA VAL E 2 13.38 -23.75 -22.90
C VAL E 2 13.60 -25.20 -23.30
N GLN E 3 13.86 -26.05 -22.30
CA GLN E 3 14.18 -27.44 -22.56
C GLN E 3 13.74 -28.30 -21.39
N LEU E 4 12.95 -29.34 -21.68
CA LEU E 4 12.58 -30.35 -20.70
C LEU E 4 13.03 -31.70 -21.23
N VAL E 5 13.84 -32.41 -20.45
CA VAL E 5 14.34 -33.73 -20.83
C VAL E 5 14.00 -34.70 -19.71
N GLU E 6 13.41 -35.83 -20.09
CA GLU E 6 13.01 -36.86 -19.14
C GLU E 6 13.89 -38.08 -19.29
N SER E 7 14.08 -38.80 -18.18
CA SER E 7 14.87 -40.03 -18.19
C SER E 7 14.35 -40.93 -17.08
N GLY E 8 14.68 -42.22 -17.19
CA GLY E 8 14.21 -43.22 -16.25
C GLY E 8 13.36 -44.30 -16.86
N GLY E 9 13.02 -44.21 -18.14
CA GLY E 9 12.24 -45.24 -18.79
C GLY E 9 13.07 -46.45 -19.16
N GLY E 10 12.38 -47.51 -19.54
CA GLY E 10 13.02 -48.76 -19.89
C GLY E 10 12.06 -49.92 -19.70
N LEU E 11 12.63 -51.09 -19.46
CA LEU E 11 11.86 -52.32 -19.26
C LEU E 11 11.89 -52.72 -17.80
N VAL E 12 10.71 -52.94 -17.23
CA VAL E 12 10.57 -53.33 -15.82
C VAL E 12 9.59 -54.48 -15.74
N GLN E 13 9.72 -55.28 -14.67
CA GLN E 13 8.83 -56.42 -14.48
C GLN E 13 7.59 -56.00 -13.69
N PRO E 14 6.48 -56.71 -13.85
CA PRO E 14 5.26 -56.34 -13.11
C PRO E 14 5.49 -56.36 -11.61
N GLY E 15 4.87 -55.40 -10.92
CA GLY E 15 4.99 -55.30 -9.49
C GLY E 15 6.21 -54.56 -8.99
N GLY E 16 7.13 -54.18 -9.89
CA GLY E 16 8.31 -53.44 -9.51
C GLY E 16 8.02 -51.96 -9.41
N SER E 17 9.09 -51.20 -9.19
CA SER E 17 8.99 -49.74 -9.06
C SER E 17 10.09 -49.08 -9.89
N ARG E 18 9.77 -47.90 -10.41
CA ARG E 18 10.71 -47.10 -11.18
C ARG E 18 10.49 -45.64 -10.84
N LYS E 19 11.47 -44.80 -11.17
CA LYS E 19 11.39 -43.37 -10.92
C LYS E 19 11.72 -42.63 -12.20
N LEU E 20 10.86 -41.68 -12.56
CA LEU E 20 11.06 -40.84 -13.74
C LEU E 20 11.50 -39.45 -13.29
N SER E 21 12.52 -38.93 -13.96
CA SER E 21 13.09 -37.62 -13.65
C SER E 21 12.93 -36.72 -14.87
N CYS E 22 12.42 -35.51 -14.65
CA CYS E 22 12.27 -34.51 -15.71
C CYS E 22 13.02 -33.27 -15.26
N SER E 23 14.14 -32.98 -15.92
CA SER E 23 15.02 -31.87 -15.55
C SER E 23 14.77 -30.69 -16.48
N ALA E 24 14.46 -29.54 -15.89
CA ALA E 24 14.16 -28.33 -16.63
C ALA E 24 15.41 -27.45 -16.73
N SER E 25 15.49 -26.69 -17.82
CA SER E 25 16.64 -25.81 -18.04
C SER E 25 16.22 -24.74 -19.04
N GLY E 26 16.16 -23.49 -18.58
CA GLY E 26 15.92 -22.37 -19.47
C GLY E 26 14.71 -21.54 -19.13
N PHE E 27 14.14 -21.74 -17.94
CA PHE E 27 13.01 -20.93 -17.50
C PHE E 27 12.88 -21.05 -15.99
N ALA E 28 12.04 -20.19 -15.42
CA ALA E 28 11.84 -20.13 -13.98
C ALA E 28 11.00 -21.34 -13.55
N PHE E 29 11.69 -22.47 -13.41
CA PHE E 29 11.01 -23.71 -13.06
C PHE E 29 10.24 -23.58 -11.75
N SER E 30 10.68 -22.70 -10.86
CA SER E 30 10.00 -22.55 -9.58
C SER E 30 8.60 -21.96 -9.73
N SER E 31 8.33 -21.28 -10.86
CA SER E 31 7.09 -20.56 -11.04
C SER E 31 6.07 -21.31 -11.90
N PHE E 32 6.39 -22.51 -12.36
CA PHE E 32 5.53 -23.25 -13.27
C PHE E 32 5.01 -24.51 -12.62
N GLY E 33 3.69 -24.70 -12.66
CA GLY E 33 3.13 -26.00 -12.34
C GLY E 33 3.51 -27.02 -13.39
N MET E 34 3.62 -28.28 -12.96
CA MET E 34 4.10 -29.34 -13.82
C MET E 34 3.10 -30.48 -13.85
N HIS E 35 2.92 -31.08 -15.03
CA HIS E 35 2.00 -32.18 -15.25
C HIS E 35 2.76 -33.39 -15.76
N TRP E 36 2.18 -34.57 -15.56
CA TRP E 36 2.65 -35.79 -16.18
C TRP E 36 1.55 -36.32 -17.09
N VAL E 37 1.85 -36.46 -18.37
CA VAL E 37 0.90 -36.96 -19.35
C VAL E 37 1.52 -38.13 -20.09
N ARG E 38 0.75 -39.21 -20.19
CA ARG E 38 1.25 -40.45 -20.76
C ARG E 38 0.41 -40.83 -21.97
N GLN E 39 1.05 -41.51 -22.92
CA GLN E 39 0.42 -41.91 -24.17
C GLN E 39 0.74 -43.37 -24.42
N ALA E 40 -0.25 -44.25 -24.22
CA ALA E 40 -0.05 -45.66 -24.45
C ALA E 40 0.21 -45.91 -25.93
N PRO E 41 0.85 -47.02 -26.28
CA PRO E 41 1.19 -47.27 -27.68
C PRO E 41 0.02 -47.09 -28.63
N GLU E 42 0.10 -46.08 -29.49
CA GLU E 42 -0.93 -45.78 -30.49
C GLU E 42 -2.34 -45.85 -29.89
N LYS E 43 -2.51 -45.24 -28.72
CA LYS E 43 -3.82 -45.16 -28.08
C LYS E 43 -4.30 -43.72 -27.94
N GLY E 44 -3.50 -42.85 -27.34
CA GLY E 44 -3.89 -41.46 -27.14
C GLY E 44 -3.37 -40.93 -25.81
N LEU E 45 -3.48 -39.62 -25.65
CA LEU E 45 -2.97 -38.98 -24.45
C LEU E 45 -3.88 -39.25 -23.25
N GLU E 46 -3.28 -39.27 -22.06
CA GLU E 46 -4.02 -39.44 -20.82
C GLU E 46 -3.30 -38.68 -19.72
N TRP E 47 -4.05 -37.94 -18.92
CA TRP E 47 -3.47 -37.16 -17.83
C TRP E 47 -3.22 -38.05 -16.62
N VAL E 48 -2.06 -37.85 -15.98
CA VAL E 48 -1.60 -38.72 -14.90
C VAL E 48 -1.60 -37.98 -13.56
N ALA E 49 -0.81 -36.91 -13.44
CA ALA E 49 -0.65 -36.23 -12.17
C ALA E 49 -0.27 -34.78 -12.40
N TYR E 50 -0.47 -33.97 -11.37
CA TYR E 50 -0.18 -32.53 -11.42
C TYR E 50 0.33 -32.07 -10.07
N ILE E 51 1.41 -31.30 -10.06
CA ILE E 51 1.96 -30.70 -8.86
C ILE E 51 2.09 -29.21 -9.08
N SER E 52 1.56 -28.42 -8.15
CA SER E 52 1.46 -26.98 -8.33
C SER E 52 2.84 -26.34 -8.19
N SER E 53 2.85 -25.01 -8.25
CA SER E 53 4.05 -24.23 -8.00
C SER E 53 4.22 -24.06 -6.49
N GLY E 54 5.35 -24.50 -5.97
CA GLY E 54 5.57 -24.55 -4.54
C GLY E 54 5.13 -25.84 -3.88
N SER E 55 4.52 -26.76 -4.63
CA SER E 55 4.08 -28.06 -4.15
C SER E 55 2.87 -27.96 -3.24
N GLY E 56 2.14 -26.84 -3.26
CA GLY E 56 1.00 -26.69 -2.37
C GLY E 56 -0.13 -27.66 -2.71
N THR E 57 -0.42 -27.81 -3.99
CA THR E 57 -1.54 -28.63 -4.46
C THR E 57 -1.03 -29.75 -5.33
N ILE E 58 -1.59 -30.95 -5.15
CA ILE E 58 -1.24 -32.13 -5.93
C ILE E 58 -2.52 -32.85 -6.30
N TYR E 59 -2.59 -33.36 -7.54
CA TYR E 59 -3.71 -34.12 -8.02
C TYR E 59 -3.21 -35.39 -8.71
N TYR E 60 -4.03 -36.44 -8.68
CA TYR E 60 -3.72 -37.68 -9.37
C TYR E 60 -4.96 -38.18 -10.09
N ALA E 61 -4.74 -38.93 -11.16
CA ALA E 61 -5.83 -39.61 -11.83
C ALA E 61 -6.32 -40.79 -10.99
N ASP E 62 -7.60 -41.11 -11.12
CA ASP E 62 -8.17 -42.20 -10.35
C ASP E 62 -7.46 -43.51 -10.66
N THR E 63 -6.95 -43.67 -11.87
CA THR E 63 -6.28 -44.92 -12.24
C THR E 63 -5.03 -45.16 -11.41
N VAL E 64 -4.24 -44.12 -11.18
CA VAL E 64 -2.93 -44.26 -10.55
C VAL E 64 -2.91 -43.73 -9.12
N LYS E 65 -4.05 -43.31 -8.58
CA LYS E 65 -4.07 -42.78 -7.23
C LYS E 65 -3.54 -43.82 -6.25
N GLY E 66 -2.62 -43.41 -5.39
CA GLY E 66 -2.01 -44.31 -4.42
C GLY E 66 -0.75 -44.99 -4.93
N ARG E 67 -0.81 -45.55 -6.14
CA ARG E 67 0.36 -46.22 -6.70
C ARG E 67 1.45 -45.22 -7.05
N PHE E 68 1.08 -44.09 -7.63
CA PHE E 68 2.03 -43.06 -8.06
C PHE E 68 2.07 -41.92 -7.05
N THR E 69 3.22 -41.27 -6.97
CA THR E 69 3.38 -40.06 -6.18
C THR E 69 4.32 -39.12 -6.91
N ILE E 70 3.94 -37.84 -6.95
CA ILE E 70 4.65 -36.82 -7.70
C ILE E 70 5.32 -35.86 -6.72
N SER E 71 6.60 -35.59 -6.94
CA SER E 71 7.37 -34.70 -6.08
C SER E 71 8.17 -33.73 -6.95
N ARG E 72 8.48 -32.58 -6.37
CA ARG E 72 9.17 -31.51 -7.07
C ARG E 72 10.37 -31.07 -6.24
N ASP E 73 11.51 -30.85 -6.89
CA ASP E 73 12.75 -30.43 -6.24
C ASP E 73 13.17 -29.10 -6.86
N ASP E 74 12.67 -27.99 -6.30
CA ASP E 74 12.88 -26.69 -6.93
C ASP E 74 14.35 -26.31 -7.04
N PRO E 75 15.17 -26.42 -5.98
CA PRO E 75 16.58 -25.98 -6.12
C PRO E 75 17.32 -26.69 -7.24
N LYS E 76 17.06 -27.97 -7.46
CA LYS E 76 17.73 -28.73 -8.50
C LYS E 76 17.03 -28.65 -9.85
N ASN E 77 15.84 -28.04 -9.90
CA ASN E 77 15.09 -27.90 -11.15
C ASN E 77 14.83 -29.26 -11.78
N THR E 78 14.20 -30.14 -11.00
CA THR E 78 13.87 -31.48 -11.44
C THR E 78 12.46 -31.84 -10.98
N LEU E 79 11.77 -32.63 -11.80
CA LEU E 79 10.43 -33.12 -11.50
C LEU E 79 10.50 -34.64 -11.44
N PHE E 80 9.90 -35.22 -10.40
CA PHE E 80 9.99 -36.65 -10.14
C PHE E 80 8.61 -37.29 -10.17
N LEU E 81 8.57 -38.55 -10.59
CA LEU E 81 7.38 -39.40 -10.51
C LEU E 81 7.83 -40.77 -10.01
N GLN E 82 7.40 -41.14 -8.82
CA GLN E 82 7.75 -42.42 -8.21
C GLN E 82 6.57 -43.37 -8.39
N MET E 83 6.79 -44.44 -9.14
CA MET E 83 5.77 -45.45 -9.41
C MET E 83 6.11 -46.70 -8.59
N THR E 84 5.14 -47.14 -7.79
CA THR E 84 5.39 -48.21 -6.81
C THR E 84 5.08 -49.59 -7.37
N SER E 85 3.83 -49.82 -7.76
CA SER E 85 3.39 -51.12 -8.29
C SER E 85 2.86 -50.87 -9.69
N LEU E 86 3.54 -51.42 -10.69
CA LEU E 86 3.24 -51.15 -12.10
C LEU E 86 2.51 -52.35 -12.70
N ARG E 87 1.35 -52.11 -13.28
CA ARG E 87 0.62 -53.12 -14.01
C ARG E 87 1.08 -53.11 -15.47
N SER E 88 0.50 -54.01 -16.28
CA SER E 88 0.77 -54.00 -17.70
C SER E 88 0.07 -52.85 -18.42
N GLU E 89 -0.83 -52.15 -17.74
CA GLU E 89 -1.54 -51.02 -18.33
C GLU E 89 -0.80 -49.71 -18.14
N ASP E 90 0.32 -49.70 -17.42
CA ASP E 90 1.10 -48.48 -17.21
C ASP E 90 2.14 -48.26 -18.31
N THR E 91 2.31 -49.20 -19.22
CA THR E 91 3.27 -49.00 -20.30
C THR E 91 2.80 -47.90 -21.23
N ALA E 92 3.67 -46.91 -21.45
CA ALA E 92 3.32 -45.75 -22.26
C ALA E 92 4.53 -44.83 -22.35
N MET E 93 4.41 -43.79 -23.16
CA MET E 93 5.39 -42.72 -23.23
C MET E 93 4.95 -41.61 -22.29
N TYR E 94 5.78 -41.28 -21.31
CA TYR E 94 5.44 -40.29 -20.30
C TYR E 94 6.02 -38.94 -20.70
N TYR E 95 5.20 -37.90 -20.66
CA TYR E 95 5.58 -36.56 -21.07
C TYR E 95 5.61 -35.63 -19.87
N CYS E 96 6.54 -34.69 -19.88
CA CYS E 96 6.67 -33.68 -18.86
C CYS E 96 6.17 -32.36 -19.44
N VAL E 97 5.18 -31.77 -18.78
CA VAL E 97 4.51 -30.57 -19.29
C VAL E 97 4.52 -29.50 -18.21
N ARG E 98 4.61 -28.24 -18.65
CA ARG E 98 4.68 -27.10 -17.75
C ARG E 98 3.42 -26.27 -17.89
N SER E 99 2.97 -25.66 -16.79
CA SER E 99 1.76 -24.85 -16.79
C SER E 99 1.92 -23.72 -15.78
N ILE E 100 1.67 -22.50 -16.23
CA ILE E 100 1.66 -21.33 -15.36
C ILE E 100 0.25 -20.73 -15.41
N TYR E 101 -0.33 -20.51 -14.23
CA TYR E 101 -1.71 -20.08 -14.11
C TYR E 101 -1.77 -18.66 -13.55
N TYR E 102 -2.15 -17.71 -14.41
CA TYR E 102 -2.53 -16.37 -13.99
C TYR E 102 -3.41 -15.81 -15.09
N TYR E 103 -4.05 -14.68 -14.80
CA TYR E 103 -5.02 -14.13 -15.74
C TYR E 103 -4.38 -13.91 -17.11
N GLY E 104 -4.84 -14.67 -18.10
CA GLY E 104 -4.36 -14.49 -19.46
C GLY E 104 -3.10 -15.24 -19.81
N SER E 105 -2.85 -16.37 -19.18
CA SER E 105 -1.66 -17.17 -19.44
C SER E 105 -1.98 -18.33 -20.38
N SER E 106 -0.92 -19.01 -20.81
CA SER E 106 -1.02 -20.19 -21.66
C SER E 106 -0.50 -21.40 -20.88
N PRO E 107 -1.35 -22.19 -20.24
CA PRO E 107 -0.89 -23.18 -19.26
C PRO E 107 -0.47 -24.53 -19.80
N PHE E 108 -0.30 -24.71 -21.12
CA PHE E 108 0.19 -25.98 -21.62
C PHE E 108 1.14 -25.77 -22.80
N ASP E 109 1.87 -24.66 -22.80
CA ASP E 109 2.58 -24.24 -24.01
C ASP E 109 3.66 -25.25 -24.42
N PHE E 110 4.49 -25.67 -23.48
CA PHE E 110 5.66 -26.47 -23.78
C PHE E 110 5.52 -27.89 -23.24
N TRP E 111 5.88 -28.87 -24.06
CA TRP E 111 5.85 -30.27 -23.70
C TRP E 111 7.24 -30.87 -23.79
N GLY E 112 7.52 -31.85 -22.93
CA GLY E 112 8.80 -32.51 -22.92
C GLY E 112 8.94 -33.46 -24.11
N GLN E 113 10.15 -33.99 -24.25
CA GLN E 113 10.44 -34.91 -25.35
C GLN E 113 9.86 -36.29 -25.12
N GLY E 114 9.69 -36.70 -23.88
CA GLY E 114 9.04 -37.96 -23.56
C GLY E 114 10.03 -39.07 -23.32
N THR E 115 9.66 -39.99 -22.43
CA THR E 115 10.45 -41.17 -22.11
C THR E 115 9.56 -42.40 -22.16
N THR E 116 10.05 -43.47 -22.79
CA THR E 116 9.26 -44.68 -22.98
C THR E 116 9.43 -45.63 -21.82
N LEU E 117 8.32 -46.17 -21.33
CA LEU E 117 8.29 -47.14 -20.26
C LEU E 117 7.57 -48.39 -20.74
N THR E 118 8.15 -49.55 -20.49
CA THR E 118 7.56 -50.83 -20.88
C THR E 118 7.48 -51.74 -19.67
N VAL E 119 6.35 -52.43 -19.53
CA VAL E 119 6.12 -53.40 -18.47
C VAL E 119 5.85 -54.75 -19.13
N SER E 120 6.59 -55.77 -18.72
CA SER E 120 6.43 -57.09 -19.31
C SER E 120 5.09 -57.70 -18.91
N SER E 121 4.65 -58.67 -19.71
CA SER E 121 3.39 -59.36 -19.46
C SER E 121 3.65 -60.81 -19.06
N SER E 136 -19.40 -38.57 -13.33
CA SER E 136 -18.20 -38.24 -12.57
C SER E 136 -17.25 -37.37 -13.38
N ASP E 137 -16.52 -38.00 -14.29
CA ASP E 137 -15.57 -37.31 -15.15
C ASP E 137 -16.24 -36.82 -16.42
N ILE E 138 -15.69 -35.75 -16.97
CA ILE E 138 -16.19 -35.18 -18.22
C ILE E 138 -15.63 -36.00 -19.38
N VAL E 139 -16.52 -36.44 -20.25
CA VAL E 139 -16.16 -37.28 -21.39
C VAL E 139 -16.12 -36.40 -22.64
N MET E 140 -14.98 -36.39 -23.31
CA MET E 140 -14.79 -35.64 -24.55
C MET E 140 -14.62 -36.62 -25.70
N THR E 141 -15.38 -36.43 -26.77
CA THR E 141 -15.43 -37.37 -27.88
C THR E 141 -15.08 -36.65 -29.17
N GLN E 142 -14.27 -37.31 -30.00
CA GLN E 142 -13.99 -36.85 -31.37
C GLN E 142 -14.60 -37.88 -32.31
N ALA E 143 -15.62 -37.45 -33.07
CA ALA E 143 -16.40 -38.40 -33.86
C ALA E 143 -15.53 -39.11 -34.89
N THR E 144 -14.76 -38.34 -35.66
CA THR E 144 -13.97 -38.90 -36.74
C THR E 144 -12.56 -39.25 -36.27
N SER E 145 -12.02 -40.33 -36.83
CA SER E 145 -10.67 -40.76 -36.52
C SER E 145 -9.66 -40.39 -37.59
N SER E 146 -10.09 -40.30 -38.85
CA SER E 146 -9.22 -39.92 -39.95
C SER E 146 -9.95 -38.94 -40.87
N VAL E 147 -9.18 -38.10 -41.54
CA VAL E 147 -9.74 -37.09 -42.44
C VAL E 147 -8.75 -36.85 -43.57
N PRO E 148 -8.84 -37.58 -44.69
CA PRO E 148 -7.94 -37.30 -45.82
C PRO E 148 -8.14 -35.89 -46.35
N VAL E 149 -7.05 -35.26 -46.76
CA VAL E 149 -7.09 -33.90 -47.29
C VAL E 149 -5.77 -33.64 -48.01
N THR E 150 -5.79 -32.68 -48.92
CA THR E 150 -4.62 -32.26 -49.69
C THR E 150 -4.25 -30.83 -49.35
N PRO E 151 -3.00 -30.43 -49.59
CA PRO E 151 -2.59 -29.06 -49.27
C PRO E 151 -3.45 -28.03 -50.01
N GLY E 152 -3.70 -26.92 -49.34
CA GLY E 152 -4.49 -25.84 -49.91
C GLY E 152 -5.99 -25.98 -49.73
N GLU E 153 -6.43 -26.98 -48.97
CA GLU E 153 -7.85 -27.22 -48.73
C GLU E 153 -8.17 -26.94 -47.26
N SER E 154 -9.28 -26.28 -47.01
CA SER E 154 -9.69 -26.00 -45.64
C SER E 154 -10.18 -27.28 -44.97
N VAL E 155 -9.94 -27.38 -43.67
CA VAL E 155 -10.32 -28.54 -42.88
C VAL E 155 -11.03 -28.06 -41.62
N SER E 156 -11.79 -28.97 -41.00
CA SER E 156 -12.49 -28.67 -39.75
C SER E 156 -12.53 -29.92 -38.90
N ILE E 157 -12.23 -29.76 -37.61
CA ILE E 157 -12.23 -30.84 -36.64
C ILE E 157 -13.05 -30.41 -35.44
N SER E 158 -13.94 -31.28 -34.99
CA SER E 158 -14.88 -30.95 -33.92
C SER E 158 -14.84 -32.02 -32.84
N CYS E 159 -15.18 -31.61 -31.62
CA CYS E 159 -15.27 -32.54 -30.50
C CYS E 159 -16.28 -32.00 -29.50
N ARG E 160 -17.06 -32.91 -28.92
CA ARG E 160 -18.14 -32.58 -28.00
C ARG E 160 -17.65 -32.77 -26.56
N SER E 161 -18.59 -32.64 -25.62
CA SER E 161 -18.29 -32.88 -24.21
C SER E 161 -19.59 -33.18 -23.49
N SER E 162 -19.46 -33.72 -22.28
CA SER E 162 -20.63 -34.00 -21.46
C SER E 162 -21.20 -32.73 -20.86
N LYS E 163 -20.42 -32.07 -20.00
CA LYS E 163 -20.84 -30.81 -19.41
C LYS E 163 -20.46 -29.64 -20.31
N SER E 164 -21.08 -28.50 -20.05
CA SER E 164 -20.76 -27.28 -20.78
C SER E 164 -19.48 -26.68 -20.21
N LEU E 165 -18.46 -26.55 -21.04
CA LEU E 165 -17.18 -26.03 -20.59
C LEU E 165 -17.22 -24.53 -20.31
N LEU E 166 -18.24 -23.82 -20.79
CA LEU E 166 -18.36 -22.41 -20.48
C LEU E 166 -18.65 -22.22 -18.99
N HIS E 167 -17.95 -21.28 -18.39
CA HIS E 167 -18.03 -21.03 -16.95
C HIS E 167 -18.66 -19.67 -16.68
N SER E 168 -18.94 -19.41 -15.41
CA SER E 168 -19.47 -18.10 -15.02
C SER E 168 -18.47 -16.99 -15.34
N ASN E 169 -17.19 -17.31 -15.37
CA ASN E 169 -16.18 -16.32 -15.71
C ASN E 169 -16.32 -15.81 -17.14
N GLY E 170 -17.05 -16.54 -17.99
CA GLY E 170 -17.10 -16.24 -19.40
C GLY E 170 -16.02 -16.92 -20.21
N ASN E 171 -15.16 -17.72 -19.59
CA ASN E 171 -14.08 -18.40 -20.28
C ASN E 171 -14.49 -19.83 -20.60
N THR E 172 -14.29 -20.23 -21.85
CA THR E 172 -14.50 -21.62 -22.27
C THR E 172 -13.17 -22.35 -22.14
N TYR E 173 -13.11 -23.33 -21.25
CA TYR E 173 -11.86 -24.02 -20.94
C TYR E 173 -11.72 -25.23 -21.85
N LEU E 174 -11.10 -25.01 -23.01
CA LEU E 174 -10.82 -26.08 -23.95
C LEU E 174 -9.49 -25.80 -24.63
N TYR E 175 -8.68 -26.84 -24.83
CA TYR E 175 -7.35 -26.72 -25.38
C TYR E 175 -7.21 -27.64 -26.59
N TRP E 176 -6.50 -27.17 -27.60
CA TRP E 176 -6.24 -27.93 -28.82
C TRP E 176 -4.74 -28.17 -28.93
N PHE E 177 -4.36 -29.44 -29.06
CA PHE E 177 -2.96 -29.82 -29.23
C PHE E 177 -2.77 -30.55 -30.55
N LEU E 178 -1.60 -30.37 -31.15
CA LEU E 178 -1.24 -31.02 -32.40
C LEU E 178 0.03 -31.83 -32.18
N GLN E 179 -0.02 -33.12 -32.52
CA GLN E 179 1.12 -34.01 -32.41
C GLN E 179 1.56 -34.45 -33.80
N ARG E 180 2.78 -34.11 -34.16
CA ARG E 180 3.34 -34.53 -35.44
C ARG E 180 3.97 -35.91 -35.33
N PRO E 181 4.13 -36.62 -36.45
CA PRO E 181 4.72 -37.96 -36.39
C PRO E 181 6.12 -37.92 -35.79
N GLY E 182 6.27 -38.60 -34.66
CA GLY E 182 7.56 -38.74 -34.02
C GLY E 182 7.95 -37.59 -33.10
N GLN E 183 7.07 -36.61 -32.89
CA GLN E 183 7.36 -35.47 -32.04
C GLN E 183 6.29 -35.36 -30.95
N SER E 184 6.57 -34.50 -29.97
CA SER E 184 5.68 -34.31 -28.86
C SER E 184 4.55 -33.34 -29.21
N PRO E 185 3.43 -33.40 -28.49
CA PRO E 185 2.30 -32.52 -28.80
C PRO E 185 2.66 -31.05 -28.63
N GLN E 186 1.98 -30.21 -29.39
CA GLN E 186 2.20 -28.76 -29.38
C GLN E 186 0.86 -28.06 -29.20
N LEU E 187 0.85 -27.01 -28.39
CA LEU E 187 -0.37 -26.26 -28.12
C LEU E 187 -0.69 -25.34 -29.28
N LEU E 188 -1.97 -25.26 -29.64
CA LEU E 188 -2.45 -24.37 -30.69
C LEU E 188 -3.43 -23.32 -30.18
N ILE E 189 -4.49 -23.75 -29.49
CA ILE E 189 -5.52 -22.86 -28.96
C ILE E 189 -5.76 -23.26 -27.51
N TYR E 190 -5.62 -22.30 -26.59
CA TYR E 190 -5.60 -22.69 -25.19
C TYR E 190 -6.91 -22.53 -24.44
N ARG E 191 -7.80 -21.59 -24.79
CA ARG E 191 -9.09 -21.57 -24.11
C ARG E 191 -10.24 -21.85 -25.06
N MET E 192 -10.51 -21.01 -26.05
CA MET E 192 -11.34 -21.43 -27.17
C MET E 192 -10.91 -20.85 -28.51
N SER E 193 -10.28 -19.69 -28.54
CA SER E 193 -9.88 -19.07 -29.80
C SER E 193 -8.52 -18.38 -29.71
N ASN E 194 -7.83 -18.48 -28.58
CA ASN E 194 -6.57 -17.76 -28.39
C ASN E 194 -5.44 -18.52 -29.05
N LEU E 195 -4.81 -17.91 -30.05
CA LEU E 195 -3.72 -18.54 -30.76
C LEU E 195 -2.48 -18.58 -29.89
N ALA E 196 -1.95 -19.77 -29.67
CA ALA E 196 -0.75 -19.92 -28.86
C ALA E 196 0.43 -19.25 -29.55
N SER E 197 1.34 -18.70 -28.75
CA SER E 197 2.47 -17.98 -29.28
C SER E 197 3.31 -18.89 -30.18
N GLY E 198 3.68 -18.39 -31.35
CA GLY E 198 4.53 -19.10 -32.28
C GLY E 198 3.80 -19.87 -33.36
N VAL E 199 2.52 -20.16 -33.17
CA VAL E 199 1.74 -20.91 -34.16
C VAL E 199 1.33 -19.96 -35.28
N PRO E 200 1.22 -20.44 -36.52
CA PRO E 200 0.76 -19.55 -37.60
C PRO E 200 -0.67 -19.11 -37.37
N ASP E 201 -1.00 -17.94 -37.91
CA ASP E 201 -2.32 -17.36 -37.72
C ASP E 201 -3.40 -18.03 -38.55
N ARG E 202 -3.05 -19.02 -39.37
CA ARG E 202 -4.07 -19.70 -40.18
C ARG E 202 -5.02 -20.51 -39.32
N PHE E 203 -4.54 -21.08 -38.22
CA PHE E 203 -5.40 -21.82 -37.31
C PHE E 203 -6.43 -20.90 -36.67
N SER E 204 -7.60 -21.47 -36.37
CA SER E 204 -8.67 -20.72 -35.71
C SER E 204 -9.50 -21.68 -34.88
N GLY E 205 -10.18 -21.13 -33.88
CA GLY E 205 -11.00 -21.92 -32.99
C GLY E 205 -12.33 -21.27 -32.68
N SER E 206 -13.37 -22.08 -32.52
CA SER E 206 -14.70 -21.56 -32.23
C SER E 206 -15.53 -22.67 -31.58
N GLY E 207 -16.61 -22.26 -30.94
CA GLY E 207 -17.48 -23.21 -30.27
C GLY E 207 -18.39 -22.50 -29.29
N SER E 208 -19.24 -23.29 -28.65
CA SER E 208 -20.19 -22.75 -27.68
C SER E 208 -20.66 -23.86 -26.76
N GLY E 209 -20.21 -23.82 -25.51
CA GLY E 209 -20.75 -24.68 -24.48
C GLY E 209 -20.29 -26.13 -24.55
N THR E 210 -20.80 -26.88 -25.53
CA THR E 210 -20.48 -28.29 -25.65
C THR E 210 -20.13 -28.73 -27.06
N ALA E 211 -20.13 -27.81 -28.04
CA ALA E 211 -19.73 -28.13 -29.40
C ALA E 211 -18.65 -27.15 -29.81
N PHE E 212 -17.51 -27.68 -30.23
CA PHE E 212 -16.36 -26.87 -30.61
C PHE E 212 -15.79 -27.38 -31.93
N THR E 213 -15.10 -26.50 -32.63
CA THR E 213 -14.53 -26.83 -33.93
C THR E 213 -13.21 -26.08 -34.12
N LEU E 214 -12.23 -26.76 -34.71
CA LEU E 214 -10.98 -26.16 -35.10
C LEU E 214 -10.89 -26.20 -36.62
N THR E 215 -10.67 -25.03 -37.23
CA THR E 215 -10.64 -24.90 -38.68
C THR E 215 -9.27 -24.43 -39.11
N ILE E 216 -8.70 -25.11 -40.11
CA ILE E 216 -7.41 -24.78 -40.67
C ILE E 216 -7.62 -24.31 -42.11
N SER E 217 -7.07 -23.15 -42.44
CA SER E 217 -7.17 -22.57 -43.77
C SER E 217 -5.81 -22.61 -44.45
N ARG E 218 -5.81 -22.95 -45.74
CA ARG E 218 -4.58 -23.10 -46.52
C ARG E 218 -3.67 -24.13 -45.86
N LEU E 219 -4.16 -25.37 -45.82
CA LEU E 219 -3.43 -26.45 -45.17
C LEU E 219 -2.06 -26.61 -45.82
N GLU E 220 -1.05 -26.84 -44.97
CA GLU E 220 0.33 -27.00 -45.41
C GLU E 220 0.76 -28.44 -45.21
N ALA E 221 2.00 -28.73 -45.63
CA ALA E 221 2.53 -30.08 -45.51
C ALA E 221 2.97 -30.40 -44.09
N GLU E 222 3.12 -29.38 -43.23
CA GLU E 222 3.54 -29.58 -41.85
C GLU E 222 2.37 -29.71 -40.89
N ASP E 223 1.13 -29.69 -41.39
CA ASP E 223 -0.04 -29.81 -40.54
C ASP E 223 -0.53 -31.25 -40.40
N VAL E 224 0.17 -32.21 -40.98
CA VAL E 224 -0.23 -33.61 -40.87
C VAL E 224 0.12 -34.11 -39.47
N GLY E 225 -0.84 -34.74 -38.81
CA GLY E 225 -0.63 -35.23 -37.47
C GLY E 225 -1.94 -35.65 -36.83
N VAL E 226 -1.95 -35.66 -35.51
CA VAL E 226 -3.13 -36.01 -34.72
C VAL E 226 -3.50 -34.81 -33.85
N TYR E 227 -4.78 -34.48 -33.82
CA TYR E 227 -5.29 -33.34 -33.07
C TYR E 227 -6.10 -33.81 -31.88
N TYR E 228 -5.77 -33.30 -30.71
CA TYR E 228 -6.45 -33.67 -29.47
C TYR E 228 -7.14 -32.44 -28.87
N CYS E 229 -8.35 -32.64 -28.37
CA CYS E 229 -9.10 -31.59 -27.69
C CYS E 229 -9.22 -31.96 -26.22
N MET E 230 -8.86 -31.02 -25.35
CA MET E 230 -8.76 -31.27 -23.92
C MET E 230 -9.56 -30.23 -23.15
N GLN E 231 -10.12 -30.64 -22.03
CA GLN E 231 -10.88 -29.77 -21.15
C GLN E 231 -10.08 -29.52 -19.87
N HIS E 232 -9.99 -28.25 -19.47
CA HIS E 232 -9.31 -27.87 -18.24
C HIS E 232 -10.28 -27.25 -17.24
N LEU E 233 -11.56 -27.59 -17.36
CA LEU E 233 -12.56 -27.00 -16.48
C LEU E 233 -12.41 -27.51 -15.06
N GLU E 234 -12.19 -28.81 -14.89
CA GLU E 234 -12.06 -29.39 -13.56
C GLU E 234 -11.27 -30.69 -13.67
N TYR E 235 -10.50 -30.99 -12.63
CA TYR E 235 -9.72 -32.22 -12.60
C TYR E 235 -10.63 -33.41 -12.33
N PRO E 236 -10.26 -34.60 -12.83
CA PRO E 236 -9.08 -34.91 -13.62
C PRO E 236 -9.20 -34.46 -15.08
N LEU E 237 -8.13 -33.94 -15.66
CA LEU E 237 -8.18 -33.49 -17.05
C LEU E 237 -8.45 -34.69 -17.96
N THR E 238 -9.18 -34.44 -19.04
CA THR E 238 -9.54 -35.48 -19.99
C THR E 238 -9.27 -34.99 -21.40
N PHE E 239 -8.81 -35.92 -22.25
CA PHE E 239 -8.47 -35.62 -23.64
C PHE E 239 -9.51 -36.26 -24.56
N GLY E 240 -9.39 -35.95 -25.85
CA GLY E 240 -10.19 -36.57 -26.87
C GLY E 240 -9.50 -37.78 -27.48
N ALA E 241 -10.28 -38.57 -28.22
CA ALA E 241 -9.72 -39.75 -28.86
C ALA E 241 -8.61 -39.38 -29.84
N GLY E 242 -8.75 -38.27 -30.53
CA GLY E 242 -7.74 -37.79 -31.47
C GLY E 242 -8.20 -37.97 -32.90
N THR E 243 -7.93 -36.96 -33.72
CA THR E 243 -8.28 -36.96 -35.14
C THR E 243 -7.00 -36.87 -35.95
N LYS E 244 -6.81 -37.80 -36.88
CA LYS E 244 -5.60 -37.87 -37.68
C LYS E 244 -5.86 -37.31 -39.07
N LEU E 245 -4.88 -36.54 -39.56
CA LEU E 245 -4.93 -35.98 -40.91
C LEU E 245 -4.01 -36.78 -41.82
N GLU E 246 -4.56 -37.31 -42.91
CA GLU E 246 -3.83 -38.16 -43.83
C GLU E 246 -3.60 -37.41 -45.14
N LEU E 247 -2.36 -37.43 -45.60
CA LEU E 247 -1.99 -36.77 -46.85
C LEU E 247 -1.82 -37.80 -47.97
#